data_5IMS
#
_entry.id   5IMS
#
_cell.length_a   95.683
_cell.length_b   110.180
_cell.length_c   180.005
_cell.angle_alpha   90.00
_cell.angle_beta   90.00
_cell.angle_gamma   90.00
#
_symmetry.space_group_name_H-M   'P 21 21 21'
#
loop_
_entity.id
_entity.type
_entity.pdbx_description
1 polymer 'Acetolactate synthase catalytic subunit, mitochondrial'
2 non-polymer 'POTASSIUM ION'
3 non-polymer 'FLAVIN-ADENINE DINUCLEOTIDE'
4 non-polymer 'MAGNESIUM ION'
5 non-polymer 'THIAMINE DIPHOSPHATE'
6 non-polymer 'OXYGEN MOLECULE'
7 non-polymer 'ACETATE ION'
8 non-polymer 'PHOSPHATE ION'
9 water water
#
_entity_poly.entity_id   1
_entity_poly.type   'polypeptide(L)'
_entity_poly.pdbx_seq_one_letter_code
;MHHHHHHSSGLVPRGSGMKETAAAKFERQHMDSPDLGTDDDDKAMGSAPSFNVDPLEQPAEPSKLAKKLRAEPDMDTSFV
GLTGGQIFNEMMSRQNVDTVFGYPGGAILPVYDAIHNSDKFNFVLPKHEQGAGHMAEGYARASGKPGVVLVTSGPGATNV
VTPMADAFADGIPMVVFTGQVPTSAIGTDAFQEADVVGISRSCTKWNVMVKSVEELPLRINEAFEIATSGRPGPVLVDLP
KDVTAAILRNPIPTKTTLPSNALNQLTSRAQDEFVMQSINKAADLINLAKKPVLYVGAGILNHADGPRLLKELSDRAQIP
VTTTLQGLGSFDQEDPKSLDMLGMHGCATANLAVQNADLIIAVGARFDDRVTGNISKFAPEARRAAAEGRGGIIHFEVSP
KNINKVVQTQIAVEGDATTNLGKMMSKIFPVKERSEWFAQINKWKKEYPYAYMEETPGSKIKPQTVIKKLSKVANDTGRH
VIVTTGVGQHQMWAAQHWTWRNPHTFITSGGLGTMGYGLPAAIGAQVAKPESLVIDIDGDASFNMTLTELSSAVQAGTPV
KILILNNEEQGMVTQWQSLFYEHRYSHTHQLNPDFIKLAEAMGLKGLRVKKQEELDAKLKEFVSTKGPVLLEVEVDKKVP
VLPMVAGGSGLDEFINFDPEVERQQTELRHKRTGGKH
;
_entity_poly.pdbx_strand_id   A,B
#
loop_
_chem_comp.id
_chem_comp.type
_chem_comp.name
_chem_comp.formula
ACT non-polymer 'ACETATE ION' 'C2 H3 O2 -1'
FAD non-polymer 'FLAVIN-ADENINE DINUCLEOTIDE' 'C27 H33 N9 O15 P2'
K non-polymer 'POTASSIUM ION' 'K 1'
MG non-polymer 'MAGNESIUM ION' 'Mg 2'
OXY non-polymer 'OXYGEN MOLECULE' O2
PO4 non-polymer 'PHOSPHATE ION' 'O4 P -3'
TPP non-polymer 'THIAMINE DIPHOSPHATE' 'C12 H19 N4 O7 P2 S 1'
#
# COMPACT_ATOMS: atom_id res chain seq x y z
N PRO A 73 4.45 -8.49 -45.40
CA PRO A 73 4.29 -8.08 -43.99
C PRO A 73 3.01 -7.25 -43.76
N ASP A 74 2.09 -7.79 -42.97
CA ASP A 74 0.73 -7.29 -42.91
C ASP A 74 0.58 -6.11 -41.91
N MET A 75 0.16 -4.95 -42.40
CA MET A 75 0.15 -3.72 -41.60
C MET A 75 -1.26 -3.16 -41.35
N ASP A 76 -1.42 -2.51 -40.18
CA ASP A 76 -2.70 -2.04 -39.71
C ASP A 76 -2.63 -0.53 -39.57
N THR A 77 -3.57 0.18 -40.21
CA THR A 77 -3.54 1.62 -40.14
C THR A 77 -4.67 2.12 -39.27
N SER A 78 -5.41 1.23 -38.63
CA SER A 78 -6.64 1.71 -38.00
C SER A 78 -6.43 2.54 -36.73
N PHE A 79 -5.25 2.44 -36.10
CA PHE A 79 -4.96 3.26 -34.92
C PHE A 79 -4.19 4.55 -35.28
N VAL A 80 -3.82 4.70 -36.53
CA VAL A 80 -2.98 5.83 -36.90
C VAL A 80 -3.79 7.12 -36.77
N GLY A 81 -3.27 8.06 -35.98
CA GLY A 81 -3.93 9.36 -35.74
C GLY A 81 -4.53 9.38 -34.35
N LEU A 82 -4.60 8.22 -33.70
CA LEU A 82 -5.15 8.14 -32.34
C LEU A 82 -4.05 8.38 -31.32
N THR A 83 -4.42 8.90 -30.16
CA THR A 83 -3.52 9.01 -29.02
C THR A 83 -3.42 7.62 -28.40
N GLY A 84 -2.39 7.40 -27.59
CA GLY A 84 -2.26 6.15 -26.83
C GLY A 84 -3.48 5.92 -25.94
N GLY A 85 -4.04 6.98 -25.38
CA GLY A 85 -5.28 6.89 -24.61
C GLY A 85 -6.47 6.27 -25.33
N GLN A 86 -6.76 6.73 -26.57
CA GLN A 86 -7.85 6.14 -27.36
C GLN A 86 -7.48 4.72 -27.81
N ILE A 87 -6.21 4.50 -28.10
CA ILE A 87 -5.78 3.13 -28.45
C ILE A 87 -6.01 2.22 -27.24
N PHE A 88 -5.61 2.68 -26.06
CA PHE A 88 -5.88 1.93 -24.83
C PHE A 88 -7.39 1.56 -24.72
N ASN A 89 -8.27 2.54 -24.91
CA ASN A 89 -9.73 2.26 -24.88
C ASN A 89 -10.13 1.20 -25.88
N GLU A 90 -9.61 1.31 -27.08
CA GLU A 90 -10.00 0.34 -28.10
C GLU A 90 -9.53 -1.06 -27.74
N MET A 91 -8.31 -1.16 -27.18
CA MET A 91 -7.78 -2.47 -26.77
C MET A 91 -8.61 -3.03 -25.62
N MET A 92 -9.05 -2.17 -24.69
CA MET A 92 -9.92 -2.63 -23.60
C MET A 92 -11.16 -3.26 -24.22
N SER A 93 -11.76 -2.55 -25.20
CA SER A 93 -12.96 -3.08 -25.87
C SER A 93 -12.72 -4.43 -26.48
N ARG A 94 -11.58 -4.58 -27.15
CA ARG A 94 -11.30 -5.85 -27.83
C ARG A 94 -11.10 -6.96 -26.80
N GLN A 95 -10.69 -6.58 -25.59
CA GLN A 95 -10.50 -7.55 -24.52
C GLN A 95 -11.80 -7.74 -23.71
N ASN A 96 -12.91 -7.19 -24.21
CA ASN A 96 -14.20 -7.31 -23.51
C ASN A 96 -14.20 -6.72 -22.10
N VAL A 97 -13.40 -5.68 -21.90
CA VAL A 97 -13.37 -4.98 -20.63
C VAL A 97 -14.47 -3.93 -20.62
N ASP A 98 -15.33 -3.91 -19.61
CA ASP A 98 -16.21 -2.76 -19.50
C ASP A 98 -16.17 -2.12 -18.12
N THR A 99 -15.26 -2.59 -17.28
CA THR A 99 -15.16 -2.11 -15.91
C THR A 99 -13.70 -1.89 -15.56
N VAL A 100 -13.37 -0.71 -15.00
CA VAL A 100 -11.98 -0.45 -14.60
C VAL A 100 -11.99 0.14 -13.18
N PHE A 101 -11.07 -0.30 -12.34
CA PHE A 101 -10.95 0.17 -10.96
C PHE A 101 -9.68 1.00 -10.91
N GLY A 102 -9.71 2.19 -10.32
CA GLY A 102 -8.44 2.89 -10.17
C GLY A 102 -8.57 4.29 -9.61
N TYR A 103 -7.52 5.11 -9.79
CA TYR A 103 -7.48 6.39 -9.09
C TYR A 103 -6.58 7.30 -9.92
N PRO A 104 -7.00 8.54 -10.17
CA PRO A 104 -6.24 9.35 -11.12
C PRO A 104 -4.94 9.89 -10.55
N GLY A 105 -4.07 10.39 -11.44
CA GLY A 105 -2.92 11.23 -11.06
C GLY A 105 -2.24 11.61 -12.36
N GLY A 106 -1.27 12.51 -12.28
CA GLY A 106 -0.71 13.13 -13.49
C GLY A 106 -0.14 12.13 -14.50
N ALA A 107 0.65 11.15 -14.06
CA ALA A 107 1.33 10.30 -15.03
C ALA A 107 0.35 9.41 -15.81
N ILE A 108 -0.83 9.09 -15.24
CA ILE A 108 -1.74 8.16 -15.94
C ILE A 108 -2.89 8.94 -16.64
N LEU A 109 -2.87 10.26 -16.49
CA LEU A 109 -3.94 11.11 -17.04
C LEU A 109 -4.34 10.84 -18.52
N PRO A 110 -3.35 10.65 -19.44
CA PRO A 110 -3.77 10.40 -20.84
C PRO A 110 -4.65 9.17 -20.95
N VAL A 111 -4.43 8.16 -20.10
CA VAL A 111 -5.26 6.97 -20.17
C VAL A 111 -6.54 7.13 -19.30
N TYR A 112 -6.35 7.61 -18.08
CA TYR A 112 -7.49 7.87 -17.17
C TYR A 112 -8.57 8.75 -17.84
N ASP A 113 -8.17 9.84 -18.46
CA ASP A 113 -9.11 10.72 -19.17
C ASP A 113 -9.91 9.98 -20.26
N ALA A 114 -9.23 9.11 -21.00
CA ALA A 114 -9.88 8.40 -22.09
C ALA A 114 -10.94 7.45 -21.54
N ILE A 115 -10.57 6.73 -20.50
CA ILE A 115 -11.47 5.78 -19.85
C ILE A 115 -12.61 6.50 -19.11
N HIS A 116 -12.26 7.54 -18.35
CA HIS A 116 -13.29 8.30 -17.61
C HIS A 116 -14.30 8.92 -18.54
N ASN A 117 -13.83 9.50 -19.64
CA ASN A 117 -14.69 10.21 -20.57
C ASN A 117 -15.54 9.31 -21.47
N SER A 118 -15.18 8.03 -21.58
CA SER A 118 -15.96 7.13 -22.46
C SER A 118 -17.13 6.47 -21.71
N ASP A 119 -18.35 6.55 -22.26
CA ASP A 119 -19.47 5.85 -21.63
C ASP A 119 -19.42 4.32 -21.85
N LYS A 120 -18.37 3.79 -22.48
CA LYS A 120 -18.27 2.32 -22.64
C LYS A 120 -17.67 1.65 -21.43
N PHE A 121 -17.18 2.45 -20.48
CA PHE A 121 -16.50 1.89 -19.30
C PHE A 121 -17.10 2.43 -18.01
N ASN A 122 -17.39 1.52 -17.08
CA ASN A 122 -17.74 1.88 -15.72
C ASN A 122 -16.45 2.03 -14.93
N PHE A 123 -16.08 3.26 -14.60
CA PHE A 123 -14.83 3.46 -13.87
C PHE A 123 -15.20 3.54 -12.39
N VAL A 124 -14.66 2.67 -11.57
CA VAL A 124 -15.04 2.60 -10.15
C VAL A 124 -13.93 3.22 -9.29
N LEU A 125 -14.29 4.28 -8.57
CA LEU A 125 -13.31 5.07 -7.81
C LEU A 125 -13.33 4.68 -6.31
N PRO A 126 -12.23 4.14 -5.79
CA PRO A 126 -12.07 3.88 -4.35
C PRO A 126 -11.57 5.14 -3.65
N LYS A 127 -11.30 5.06 -2.35
CA LYS A 127 -10.63 6.17 -1.65
C LYS A 127 -9.08 5.94 -1.57
N HIS A 128 -8.63 4.73 -1.90
CA HIS A 128 -7.21 4.34 -1.80
C HIS A 128 -6.94 3.30 -2.86
N GLU A 129 -5.79 3.37 -3.53
CA GLU A 129 -5.54 2.44 -4.66
C GLU A 129 -5.54 0.98 -4.20
N GLN A 130 -5.22 0.74 -2.94
CA GLN A 130 -5.26 -0.65 -2.42
C GLN A 130 -6.71 -1.14 -2.58
N GLY A 131 -7.68 -0.26 -2.27
CA GLY A 131 -9.10 -0.58 -2.47
C GLY A 131 -9.42 -0.90 -3.92
N ALA A 132 -8.88 -0.14 -4.89
CA ALA A 132 -9.06 -0.51 -6.30
C ALA A 132 -8.52 -1.92 -6.60
N GLY A 133 -7.35 -2.25 -6.07
CA GLY A 133 -6.79 -3.57 -6.33
C GLY A 133 -7.67 -4.66 -5.76
N HIS A 134 -8.11 -4.52 -4.51
CA HIS A 134 -8.94 -5.61 -3.95
C HIS A 134 -10.33 -5.64 -4.57
N MET A 135 -10.87 -4.47 -4.94
CA MET A 135 -12.11 -4.48 -5.75
C MET A 135 -11.93 -5.29 -7.04
N ALA A 136 -10.82 -5.09 -7.74
CA ALA A 136 -10.57 -5.76 -9.00
C ALA A 136 -10.49 -7.28 -8.75
N GLU A 137 -9.92 -7.66 -7.61
CA GLU A 137 -9.88 -9.10 -7.26
C GLU A 137 -11.28 -9.66 -7.02
N GLY A 138 -12.09 -8.90 -6.30
CA GLY A 138 -13.47 -9.32 -6.04
C GLY A 138 -14.25 -9.45 -7.35
N TYR A 139 -14.06 -8.47 -8.22
CA TYR A 139 -14.70 -8.47 -9.55
C TYR A 139 -14.30 -9.72 -10.36
N ALA A 140 -12.99 -10.01 -10.39
CA ALA A 140 -12.47 -11.15 -11.15
C ALA A 140 -13.05 -12.46 -10.59
N ARG A 141 -13.04 -12.59 -9.26
CA ARG A 141 -13.51 -13.81 -8.60
C ARG A 141 -14.98 -14.00 -8.87
N ALA A 142 -15.74 -12.91 -8.83
CA ALA A 142 -17.18 -13.03 -9.07
C ALA A 142 -17.54 -13.24 -10.54
N SER A 143 -16.78 -12.64 -11.47
CA SER A 143 -17.22 -12.65 -12.89
C SER A 143 -16.51 -13.68 -13.78
N GLY A 144 -15.34 -14.16 -13.37
CA GLY A 144 -14.54 -15.02 -14.27
C GLY A 144 -13.67 -14.18 -15.23
N LYS A 145 -13.80 -12.85 -15.16
CA LYS A 145 -13.10 -11.90 -16.05
C LYS A 145 -11.87 -11.34 -15.34
N PRO A 146 -10.86 -10.90 -16.11
CA PRO A 146 -9.73 -10.23 -15.41
C PRO A 146 -10.18 -8.90 -14.77
N GLY A 147 -9.58 -8.57 -13.63
CA GLY A 147 -9.82 -7.29 -13.01
C GLY A 147 -8.82 -6.29 -13.52
N VAL A 148 -9.29 -5.13 -13.97
CA VAL A 148 -8.39 -4.17 -14.62
C VAL A 148 -8.24 -2.98 -13.68
N VAL A 149 -7.00 -2.60 -13.42
CA VAL A 149 -6.67 -1.58 -12.40
C VAL A 149 -5.86 -0.49 -13.12
N LEU A 150 -6.18 0.76 -12.86
CA LEU A 150 -5.49 1.88 -13.51
C LEU A 150 -5.05 2.88 -12.42
N VAL A 151 -3.76 3.06 -12.17
CA VAL A 151 -3.32 3.99 -11.12
C VAL A 151 -2.18 4.83 -11.63
N THR A 152 -1.80 5.85 -10.85
CA THR A 152 -0.76 6.76 -11.31
C THR A 152 0.64 6.25 -10.88
N SER A 153 1.66 7.05 -11.17
CA SER A 153 3.07 6.71 -10.83
C SER A 153 3.34 6.81 -9.34
N GLY A 154 4.53 6.37 -8.90
CA GLY A 154 4.97 6.55 -7.54
C GLY A 154 4.03 5.92 -6.53
N PRO A 155 3.42 6.73 -5.65
CA PRO A 155 2.60 6.09 -4.60
C PRO A 155 1.29 5.45 -5.14
N GLY A 156 0.82 5.84 -6.32
CA GLY A 156 -0.32 5.14 -6.90
C GLY A 156 0.07 3.67 -7.13
N ALA A 157 1.24 3.45 -7.71
CA ALA A 157 1.72 2.11 -8.00
C ALA A 157 2.08 1.36 -6.74
N THR A 158 2.79 2.03 -5.83
CA THR A 158 3.24 1.28 -4.66
C THR A 158 2.04 0.90 -3.79
N ASN A 159 0.95 1.67 -3.87
CA ASN A 159 -0.26 1.34 -3.11
C ASN A 159 -1.00 0.14 -3.66
N VAL A 160 -0.65 -0.35 -4.86
CA VAL A 160 -1.32 -1.58 -5.32
C VAL A 160 -0.42 -2.84 -5.22
N VAL A 161 0.71 -2.72 -4.51
CA VAL A 161 1.56 -3.90 -4.32
C VAL A 161 0.87 -4.98 -3.49
N THR A 162 0.19 -4.59 -2.41
CA THR A 162 -0.47 -5.63 -1.63
C THR A 162 -1.56 -6.42 -2.45
N PRO A 163 -2.43 -5.72 -3.21
CA PRO A 163 -3.40 -6.50 -4.00
C PRO A 163 -2.75 -7.33 -5.12
N MET A 164 -1.67 -6.84 -5.72
CA MET A 164 -0.92 -7.72 -6.66
C MET A 164 -0.39 -8.96 -5.97
N ALA A 165 0.26 -8.80 -4.82
CA ALA A 165 0.80 -9.99 -4.16
C ALA A 165 -0.34 -10.95 -3.75
N ASP A 166 -1.48 -10.36 -3.41
CA ASP A 166 -2.68 -11.14 -3.00
C ASP A 166 -3.19 -11.92 -4.21
N ALA A 167 -3.36 -11.23 -5.34
CA ALA A 167 -3.81 -11.89 -6.57
C ALA A 167 -2.80 -12.96 -7.03
N PHE A 168 -1.50 -12.70 -6.80
CA PHE A 168 -0.42 -13.62 -7.24
C PHE A 168 -0.55 -14.90 -6.43
N ALA A 169 -0.80 -14.76 -5.12
CA ALA A 169 -0.86 -15.93 -4.25
C ALA A 169 -2.10 -16.75 -4.52
N ASP A 170 -3.23 -16.09 -4.84
CA ASP A 170 -4.49 -16.80 -5.00
C ASP A 170 -4.79 -17.13 -6.47
N GLY A 171 -3.89 -16.78 -7.38
CA GLY A 171 -4.10 -17.11 -8.80
C GLY A 171 -5.30 -16.37 -9.43
N ILE A 172 -5.37 -15.07 -9.23
CA ILE A 172 -6.50 -14.27 -9.70
C ILE A 172 -6.08 -13.37 -10.88
N PRO A 173 -6.83 -13.45 -12.00
CA PRO A 173 -6.39 -12.67 -13.17
C PRO A 173 -6.56 -11.17 -12.91
N MET A 174 -5.51 -10.42 -13.12
CA MET A 174 -5.58 -9.00 -12.84
C MET A 174 -4.60 -8.31 -13.77
N VAL A 175 -5.02 -7.21 -14.38
CA VAL A 175 -4.08 -6.47 -15.26
C VAL A 175 -3.96 -5.11 -14.68
N VAL A 176 -2.75 -4.76 -14.25
CA VAL A 176 -2.51 -3.50 -13.59
C VAL A 176 -1.74 -2.56 -14.52
N PHE A 177 -2.34 -1.41 -14.81
CA PHE A 177 -1.69 -0.37 -15.58
C PHE A 177 -1.25 0.77 -14.67
N THR A 178 0.04 1.09 -14.66
CA THR A 178 0.56 2.17 -13.81
C THR A 178 1.12 3.28 -14.68
N GLY A 179 0.70 4.53 -14.43
CA GLY A 179 1.31 5.64 -15.15
C GLY A 179 2.75 5.75 -14.70
N GLN A 180 3.61 6.27 -15.59
CA GLN A 180 5.00 6.39 -15.26
C GLN A 180 5.47 7.76 -15.77
N VAL A 181 6.52 8.31 -15.16
CA VAL A 181 7.20 9.50 -15.69
C VAL A 181 7.61 9.24 -17.16
N PRO A 182 7.82 10.30 -17.96
CA PRO A 182 8.13 10.13 -19.38
C PRO A 182 9.40 9.28 -19.60
N THR A 183 9.49 8.61 -20.76
CA THR A 183 10.60 7.72 -21.04
C THR A 183 11.94 8.45 -20.84
N SER A 184 11.97 9.75 -21.20
CA SER A 184 13.20 10.53 -21.11
C SER A 184 13.64 10.77 -19.66
N ALA A 185 12.69 10.66 -18.73
CA ALA A 185 12.98 10.93 -17.34
C ALA A 185 13.37 9.67 -16.54
N ILE A 186 13.22 8.49 -17.13
CA ILE A 186 13.59 7.24 -16.45
C ILE A 186 15.09 7.24 -16.12
N GLY A 187 15.41 7.01 -14.85
CA GLY A 187 16.78 7.04 -14.37
C GLY A 187 17.29 8.39 -13.89
N THR A 188 16.38 9.32 -13.60
CA THR A 188 16.80 10.66 -13.17
C THR A 188 16.29 11.04 -11.78
N ASP A 189 15.73 10.07 -11.05
CA ASP A 189 15.09 10.35 -9.75
C ASP A 189 14.00 11.40 -9.90
N ALA A 190 13.24 11.29 -10.98
CA ALA A 190 12.18 12.25 -11.24
C ALA A 190 11.12 12.11 -10.16
N PHE A 191 10.30 13.16 -10.05
CA PHE A 191 9.17 13.15 -9.15
C PHE A 191 8.31 11.92 -9.44
N GLN A 192 8.18 11.03 -8.43
CA GLN A 192 7.41 9.77 -8.55
C GLN A 192 7.92 8.78 -9.60
N GLU A 193 9.19 8.86 -9.98
CA GLU A 193 9.80 7.72 -10.65
C GLU A 193 10.03 6.61 -9.60
N ALA A 194 9.15 5.60 -9.56
CA ALA A 194 9.44 4.37 -8.84
C ALA A 194 9.81 3.30 -9.86
N ASP A 195 10.74 2.41 -9.48
CA ASP A 195 11.07 1.25 -10.29
C ASP A 195 9.97 0.18 -10.07
N VAL A 196 8.83 0.41 -10.70
CA VAL A 196 7.63 -0.38 -10.46
C VAL A 196 7.75 -1.78 -11.03
N VAL A 197 8.47 -1.88 -12.14
CA VAL A 197 8.74 -3.16 -12.77
C VAL A 197 9.61 -4.00 -11.80
N GLY A 198 10.55 -3.35 -11.13
CA GLY A 198 11.42 -4.05 -10.17
C GLY A 198 10.66 -4.43 -8.92
N ILE A 199 9.91 -3.46 -8.38
CA ILE A 199 9.13 -3.69 -7.15
C ILE A 199 8.17 -4.88 -7.33
N SER A 200 7.47 -4.90 -8.47
CA SER A 200 6.39 -5.86 -8.67
C SER A 200 6.83 -7.15 -9.34
N ARG A 201 8.12 -7.29 -9.62
CA ARG A 201 8.61 -8.48 -10.33
C ARG A 201 8.19 -9.79 -9.64
N SER A 202 8.32 -9.86 -8.31
CA SER A 202 8.09 -11.13 -7.64
C SER A 202 6.61 -11.32 -7.31
N CYS A 203 5.77 -10.33 -7.58
CA CYS A 203 4.34 -10.51 -7.26
C CYS A 203 3.47 -10.32 -8.51
N THR A 204 4.09 -10.50 -9.68
CA THR A 204 3.34 -10.58 -10.92
C THR A 204 3.79 -11.80 -11.72
N LYS A 205 2.96 -12.32 -12.62
CA LYS A 205 3.42 -13.39 -13.53
C LYS A 205 4.42 -12.85 -14.53
N TRP A 206 4.22 -11.58 -14.88
CA TRP A 206 5.00 -10.93 -15.94
C TRP A 206 4.78 -9.43 -15.81
N ASN A 207 5.75 -8.61 -16.20
CA ASN A 207 5.46 -7.18 -16.25
C ASN A 207 6.36 -6.56 -17.31
N VAL A 208 6.10 -5.30 -17.68
CA VAL A 208 6.84 -4.71 -18.79
C VAL A 208 6.63 -3.23 -18.65
N MET A 209 7.59 -2.44 -19.15
CA MET A 209 7.36 -1.01 -19.36
C MET A 209 7.18 -0.74 -20.86
N VAL A 210 6.08 -0.11 -21.24
CA VAL A 210 5.85 0.16 -22.65
C VAL A 210 6.77 1.31 -23.09
N LYS A 211 7.49 1.15 -24.21
CA LYS A 211 8.48 2.15 -24.60
C LYS A 211 8.03 3.05 -25.72
N SER A 212 7.01 2.65 -26.46
CA SER A 212 6.56 3.49 -27.54
C SER A 212 5.07 3.24 -27.77
N VAL A 213 4.38 4.19 -28.37
CA VAL A 213 2.94 3.99 -28.59
C VAL A 213 2.71 2.84 -29.60
N GLU A 214 3.65 2.65 -30.53
CA GLU A 214 3.63 1.52 -31.49
C GLU A 214 3.48 0.14 -30.83
N GLU A 215 4.03 -0.01 -29.64
CA GLU A 215 3.98 -1.33 -29.00
C GLU A 215 2.87 -1.41 -27.94
N LEU A 216 2.05 -0.37 -27.84
CA LEU A 216 1.00 -0.41 -26.83
C LEU A 216 -0.04 -1.54 -27.07
N PRO A 217 -0.57 -1.72 -28.30
CA PRO A 217 -1.47 -2.87 -28.50
C PRO A 217 -0.81 -4.23 -28.17
N LEU A 218 0.41 -4.44 -28.67
CA LEU A 218 1.15 -5.67 -28.40
C LEU A 218 1.25 -5.95 -26.91
N ARG A 219 1.69 -4.97 -26.14
CA ARG A 219 1.91 -5.25 -24.70
C ARG A 219 0.60 -5.44 -23.97
N ILE A 220 -0.45 -4.73 -24.40
CA ILE A 220 -1.76 -4.90 -23.74
C ILE A 220 -2.28 -6.31 -24.02
N ASN A 221 -2.26 -6.75 -25.28
CA ASN A 221 -2.71 -8.11 -25.56
C ASN A 221 -1.86 -9.17 -24.84
N GLU A 222 -0.56 -8.92 -24.80
CA GLU A 222 0.36 -9.84 -24.09
C GLU A 222 -0.05 -9.94 -22.62
N ALA A 223 -0.33 -8.80 -22.02
CA ALA A 223 -0.70 -8.77 -20.61
C ALA A 223 -1.96 -9.59 -20.33
N PHE A 224 -3.01 -9.38 -21.12
CA PHE A 224 -4.29 -10.08 -20.86
C PHE A 224 -4.13 -11.56 -21.09
N GLU A 225 -3.38 -11.92 -22.12
CA GLU A 225 -3.17 -13.34 -22.38
C GLU A 225 -2.46 -14.04 -21.23
N ILE A 226 -1.37 -13.45 -20.76
CA ILE A 226 -0.65 -14.03 -19.63
C ILE A 226 -1.48 -14.05 -18.32
N ALA A 227 -2.18 -12.96 -18.03
CA ALA A 227 -3.00 -12.87 -16.81
C ALA A 227 -4.05 -13.99 -16.76
N THR A 228 -4.54 -14.40 -17.93
CA THR A 228 -5.71 -15.28 -17.98
C THR A 228 -5.42 -16.68 -18.45
N SER A 229 -4.14 -17.04 -18.60
CA SER A 229 -3.83 -18.38 -19.02
C SER A 229 -2.94 -19.09 -17.99
N GLY A 230 -2.66 -20.37 -18.21
CA GLY A 230 -1.95 -21.16 -17.21
C GLY A 230 -2.72 -21.07 -15.89
N ARG A 231 -2.00 -20.91 -14.79
CA ARG A 231 -2.64 -20.46 -13.56
C ARG A 231 -2.79 -18.96 -13.68
N PRO A 232 -4.04 -18.43 -13.56
CA PRO A 232 -4.23 -16.97 -13.77
C PRO A 232 -3.47 -16.18 -12.72
N GLY A 233 -3.18 -14.93 -12.97
CA GLY A 233 -2.50 -14.13 -11.96
C GLY A 233 -2.39 -12.71 -12.46
N PRO A 234 -1.78 -11.84 -11.66
CA PRO A 234 -1.60 -10.44 -11.98
C PRO A 234 -0.43 -10.18 -12.90
N VAL A 235 -0.58 -9.20 -13.77
CA VAL A 235 0.52 -8.71 -14.59
C VAL A 235 0.50 -7.21 -14.46
N LEU A 236 1.64 -6.56 -14.72
CA LEU A 236 1.71 -5.11 -14.56
C LEU A 236 2.33 -4.55 -15.82
N VAL A 237 1.68 -3.51 -16.35
CA VAL A 237 2.16 -2.82 -17.53
C VAL A 237 2.39 -1.36 -17.16
N ASP A 238 3.64 -0.94 -17.21
CA ASP A 238 4.06 0.40 -16.81
C ASP A 238 3.95 1.31 -18.04
N LEU A 239 3.25 2.46 -17.89
CA LEU A 239 2.92 3.32 -19.03
C LEU A 239 3.48 4.74 -18.91
N PRO A 240 4.64 4.98 -19.52
CA PRO A 240 5.19 6.34 -19.48
C PRO A 240 4.22 7.34 -20.08
N LYS A 241 4.09 8.50 -19.43
CA LYS A 241 3.08 9.49 -19.82
CA LYS A 241 3.12 9.52 -19.81
C LYS A 241 3.33 9.99 -21.26
N ASP A 242 4.57 10.00 -21.74
CA ASP A 242 4.83 10.51 -23.11
C ASP A 242 4.34 9.49 -24.13
N VAL A 243 4.34 8.23 -23.72
CA VAL A 243 3.87 7.15 -24.59
C VAL A 243 2.34 7.18 -24.72
N THR A 244 1.63 7.38 -23.61
CA THR A 244 0.16 7.29 -23.69
C THR A 244 -0.42 8.59 -24.27
N ALA A 245 0.32 9.69 -24.16
CA ALA A 245 -0.12 10.97 -24.72
C ALA A 245 0.18 11.06 -26.21
N ALA A 246 1.06 10.20 -26.68
CA ALA A 246 1.54 10.34 -28.07
C ALA A 246 0.45 9.95 -29.04
N ILE A 247 0.53 10.50 -30.26
CA ILE A 247 -0.34 10.10 -31.36
C ILE A 247 0.43 9.09 -32.20
N LEU A 248 -0.24 8.00 -32.58
CA LEU A 248 0.43 6.98 -33.39
C LEU A 248 0.58 7.48 -34.82
N ARG A 249 1.81 7.56 -35.32
CA ARG A 249 2.03 8.14 -36.65
C ARG A 249 2.28 7.09 -37.71
N ASN A 250 2.56 5.87 -37.30
CA ASN A 250 2.95 4.84 -38.27
C ASN A 250 2.09 3.62 -38.17
N PRO A 251 1.82 2.98 -39.31
CA PRO A 251 1.18 1.66 -39.34
C PRO A 251 1.95 0.70 -38.45
N ILE A 252 1.26 -0.26 -37.84
CA ILE A 252 1.91 -1.24 -37.02
C ILE A 252 1.43 -2.60 -37.50
N PRO A 253 2.21 -3.66 -37.23
CA PRO A 253 1.84 -4.98 -37.74
C PRO A 253 0.51 -5.44 -37.21
N THR A 254 -0.36 -5.89 -38.11
CA THR A 254 -1.68 -6.37 -37.70
C THR A 254 -1.62 -7.42 -36.58
N LYS A 255 -0.64 -8.32 -36.61
CA LYS A 255 -0.53 -9.35 -35.54
C LYS A 255 -0.65 -8.73 -34.15
N THR A 256 0.22 -7.75 -33.92
CA THR A 256 0.35 -7.08 -32.64
C THR A 256 -0.96 -6.48 -32.09
N THR A 257 -1.99 -6.42 -32.92
CA THR A 257 -3.23 -5.78 -32.48
C THR A 257 -4.36 -6.76 -32.09
N LEU A 258 -4.14 -8.04 -32.36
CA LEU A 258 -5.22 -9.01 -32.20
C LEU A 258 -5.00 -9.93 -31.01
N PRO A 259 -5.90 -9.85 -29.99
CA PRO A 259 -5.85 -10.65 -28.77
C PRO A 259 -5.45 -12.08 -29.08
N SER A 260 -4.45 -12.59 -28.36
CA SER A 260 -3.86 -13.95 -28.51
C SER A 260 -4.03 -14.64 -29.88
N ASN A 261 -4.53 -15.88 -29.82
CA ASN A 261 -4.90 -16.73 -30.97
C ASN A 261 -3.68 -17.38 -31.64
N ARG A 269 3.29 -32.15 -30.48
CA ARG A 269 2.47 -33.35 -30.70
C ARG A 269 2.83 -34.49 -29.74
N ALA A 270 4.09 -34.58 -29.33
CA ALA A 270 4.52 -35.57 -28.36
C ALA A 270 3.84 -35.30 -27.03
N GLN A 271 3.28 -34.11 -26.92
CA GLN A 271 2.79 -33.61 -25.66
C GLN A 271 1.26 -33.77 -25.66
N ASP A 272 0.62 -33.49 -26.78
CA ASP A 272 -0.79 -33.82 -27.00
C ASP A 272 -1.06 -35.32 -26.88
N GLU A 273 -0.24 -36.13 -27.54
CA GLU A 273 -0.36 -37.57 -27.41
C GLU A 273 -0.08 -37.98 -25.99
N PHE A 274 0.88 -37.36 -25.32
CA PHE A 274 1.14 -37.79 -23.94
C PHE A 274 -0.09 -37.44 -23.08
N VAL A 275 -0.72 -36.31 -23.39
CA VAL A 275 -1.87 -35.84 -22.59
C VAL A 275 -3.10 -36.72 -22.87
N MET A 276 -3.31 -37.09 -24.12
CA MET A 276 -4.42 -37.98 -24.45
C MET A 276 -4.17 -39.35 -23.82
N GLN A 277 -2.93 -39.84 -23.83
CA GLN A 277 -2.60 -41.08 -23.13
C GLN A 277 -2.95 -40.95 -21.65
N SER A 278 -2.64 -39.79 -21.06
CA SER A 278 -2.90 -39.60 -19.64
C SER A 278 -4.38 -39.53 -19.36
N ILE A 279 -5.11 -38.92 -20.27
CA ILE A 279 -6.54 -38.85 -20.11
C ILE A 279 -7.10 -40.28 -20.15
N ASN A 280 -6.65 -41.09 -21.10
CA ASN A 280 -7.11 -42.47 -21.18
C ASN A 280 -6.75 -43.24 -19.91
N LYS A 281 -5.53 -43.04 -19.39
CA LYS A 281 -5.12 -43.80 -18.19
C LYS A 281 -5.88 -43.33 -16.98
N ALA A 282 -6.19 -42.05 -16.92
CA ALA A 282 -6.98 -41.52 -15.83
C ALA A 282 -8.38 -42.13 -15.88
N ALA A 283 -8.99 -42.17 -17.06
CA ALA A 283 -10.29 -42.80 -17.21
C ALA A 283 -10.24 -44.28 -16.72
N ASP A 284 -9.18 -45.00 -17.10
CA ASP A 284 -9.03 -46.41 -16.70
C ASP A 284 -8.98 -46.56 -15.17
N LEU A 285 -8.21 -45.69 -14.52
CA LEU A 285 -8.08 -45.78 -13.07
C LEU A 285 -9.42 -45.43 -12.40
N ILE A 286 -10.10 -44.41 -12.90
CA ILE A 286 -11.38 -44.04 -12.31
C ILE A 286 -12.38 -45.19 -12.51
N ASN A 287 -12.35 -45.80 -13.69
CA ASN A 287 -13.31 -46.87 -14.01
C ASN A 287 -13.05 -48.12 -13.09
N LEU A 288 -11.84 -48.24 -12.62
CA LEU A 288 -11.39 -49.36 -11.79
C LEU A 288 -11.77 -49.14 -10.30
N ALA A 289 -11.78 -47.86 -9.87
CA ALA A 289 -11.89 -47.52 -8.45
C ALA A 289 -13.22 -48.03 -7.84
N LYS A 290 -13.15 -48.54 -6.61
CA LYS A 290 -14.34 -48.90 -5.88
C LYS A 290 -14.73 -47.78 -4.90
N LYS A 291 -13.75 -47.01 -4.43
CA LYS A 291 -13.99 -45.95 -3.42
C LYS A 291 -13.29 -44.66 -3.80
N PRO A 292 -13.66 -44.09 -4.95
CA PRO A 292 -12.98 -42.89 -5.40
C PRO A 292 -13.44 -41.65 -4.62
N VAL A 293 -12.61 -40.62 -4.60
CA VAL A 293 -13.00 -39.30 -4.07
C VAL A 293 -12.46 -38.24 -5.03
N LEU A 294 -13.30 -37.27 -5.40
CA LEU A 294 -12.85 -36.08 -6.12
C LEU A 294 -12.44 -35.01 -5.11
N TYR A 295 -11.20 -34.53 -5.25
CA TYR A 295 -10.64 -33.53 -4.38
C TYR A 295 -10.47 -32.28 -5.24
N VAL A 296 -11.31 -31.27 -5.02
CA VAL A 296 -11.45 -30.20 -6.00
C VAL A 296 -11.05 -28.83 -5.41
N GLY A 297 -10.25 -28.07 -6.14
CA GLY A 297 -9.79 -26.78 -5.66
C GLY A 297 -10.14 -25.65 -6.63
N ALA A 298 -9.45 -24.52 -6.43
CA ALA A 298 -9.72 -23.30 -7.17
C ALA A 298 -9.65 -23.48 -8.68
N GLY A 299 -8.81 -24.40 -9.16
CA GLY A 299 -8.60 -24.46 -10.60
C GLY A 299 -9.85 -24.80 -11.40
N ILE A 300 -10.82 -25.46 -10.77
CA ILE A 300 -12.05 -25.82 -11.48
C ILE A 300 -12.87 -24.57 -11.79
N LEU A 301 -12.57 -23.46 -11.09
CA LEU A 301 -13.38 -22.24 -11.25
C LEU A 301 -12.82 -21.37 -12.36
N ASN A 302 -11.72 -21.80 -12.98
CA ASN A 302 -11.08 -20.97 -14.00
C ASN A 302 -11.53 -21.23 -15.43
N HIS A 303 -12.62 -21.98 -15.56
CA HIS A 303 -13.31 -22.12 -16.85
C HIS A 303 -14.80 -22.07 -16.49
N ALA A 304 -15.57 -21.43 -17.35
CA ALA A 304 -17.00 -21.28 -17.14
C ALA A 304 -17.71 -22.65 -16.94
N ASP A 305 -17.21 -23.70 -17.61
CA ASP A 305 -17.89 -25.00 -17.59
C ASP A 305 -17.37 -25.96 -16.52
N GLY A 306 -16.40 -25.51 -15.72
CA GLY A 306 -15.75 -26.38 -14.75
C GLY A 306 -16.73 -27.06 -13.80
N PRO A 307 -17.51 -26.26 -13.07
CA PRO A 307 -18.50 -26.83 -12.14
C PRO A 307 -19.51 -27.75 -12.81
N ARG A 308 -19.98 -27.39 -14.00
CA ARG A 308 -20.93 -28.27 -14.69
C ARG A 308 -20.30 -29.65 -14.99
N LEU A 309 -19.08 -29.64 -15.51
CA LEU A 309 -18.43 -30.92 -15.85
C LEU A 309 -18.05 -31.69 -14.60
N LEU A 310 -17.73 -30.95 -13.52
CA LEU A 310 -17.43 -31.61 -12.23
C LEU A 310 -18.65 -32.38 -11.79
N LYS A 311 -19.81 -31.72 -11.86
CA LYS A 311 -21.04 -32.35 -11.43
C LYS A 311 -21.43 -33.54 -12.33
N GLU A 312 -21.18 -33.35 -13.64
CA GLU A 312 -21.45 -34.39 -14.61
C GLU A 312 -20.61 -35.63 -14.32
N LEU A 313 -19.33 -35.42 -14.07
CA LEU A 313 -18.46 -36.54 -13.73
C LEU A 313 -18.89 -37.21 -12.39
N SER A 314 -19.15 -36.37 -11.39
CA SER A 314 -19.58 -36.90 -10.09
C SER A 314 -20.86 -37.75 -10.20
N ASP A 315 -21.80 -37.30 -11.01
CA ASP A 315 -23.05 -38.04 -11.23
C ASP A 315 -22.83 -39.31 -12.04
N ARG A 316 -22.07 -39.18 -13.12
CA ARG A 316 -21.84 -40.30 -14.04
C ARG A 316 -21.16 -41.48 -13.34
N ALA A 317 -20.14 -41.18 -12.54
CA ALA A 317 -19.37 -42.26 -11.91
C ALA A 317 -19.69 -42.42 -10.40
N GLN A 318 -20.70 -41.66 -9.91
CA GLN A 318 -21.13 -41.71 -8.52
C GLN A 318 -19.95 -41.53 -7.58
N ILE A 319 -19.28 -40.41 -7.73
CA ILE A 319 -18.08 -40.07 -6.95
C ILE A 319 -18.36 -38.92 -5.98
N PRO A 320 -18.09 -39.11 -4.68
CA PRO A 320 -18.25 -38.05 -3.68
C PRO A 320 -17.20 -36.98 -3.90
N VAL A 321 -17.57 -35.74 -3.58
CA VAL A 321 -16.75 -34.58 -3.92
C VAL A 321 -16.44 -33.76 -2.66
N THR A 322 -15.15 -33.56 -2.39
CA THR A 322 -14.75 -32.64 -1.33
C THR A 322 -14.02 -31.50 -2.00
N THR A 323 -14.14 -30.28 -1.45
CA THR A 323 -13.42 -29.13 -2.00
C THR A 323 -12.42 -28.57 -0.99
N THR A 324 -11.37 -27.93 -1.50
CA THR A 324 -10.57 -27.04 -0.67
C THR A 324 -11.39 -25.83 -0.24
N LEU A 325 -10.79 -25.01 0.61
CA LEU A 325 -11.43 -23.73 0.94
C LEU A 325 -11.69 -22.88 -0.30
N GLN A 326 -10.73 -22.84 -1.21
CA GLN A 326 -10.90 -22.00 -2.39
C GLN A 326 -11.76 -22.68 -3.44
N GLY A 327 -12.06 -23.96 -3.26
CA GLY A 327 -13.00 -24.58 -4.19
C GLY A 327 -14.45 -24.53 -3.71
N LEU A 328 -14.69 -23.96 -2.53
CA LEU A 328 -16.07 -23.91 -2.00
C LEU A 328 -16.99 -23.21 -2.97
N GLY A 329 -18.18 -23.77 -3.16
CA GLY A 329 -19.12 -23.24 -4.13
C GLY A 329 -19.04 -23.99 -5.46
N SER A 330 -17.92 -24.64 -5.73
CA SER A 330 -17.79 -25.28 -7.04
C SER A 330 -18.65 -26.54 -7.11
N PHE A 331 -19.07 -27.04 -5.94
CA PHE A 331 -19.96 -28.20 -5.85
C PHE A 331 -21.04 -27.86 -4.84
N ASP A 332 -22.29 -28.17 -5.18
CA ASP A 332 -23.44 -27.87 -4.32
C ASP A 332 -23.42 -28.68 -3.04
N GLN A 333 -23.23 -28.03 -1.88
CA GLN A 333 -23.08 -28.79 -0.63
C GLN A 333 -24.37 -29.45 -0.18
N GLU A 334 -25.47 -29.15 -0.86
CA GLU A 334 -26.72 -29.85 -0.55
C GLU A 334 -26.87 -31.10 -1.39
N ASP A 335 -25.99 -31.32 -2.35
CA ASP A 335 -26.01 -32.57 -3.11
C ASP A 335 -25.67 -33.74 -2.19
N PRO A 336 -26.38 -34.88 -2.29
CA PRO A 336 -26.06 -36.03 -1.42
C PRO A 336 -24.62 -36.52 -1.53
N LYS A 337 -23.94 -36.21 -2.62
CA LYS A 337 -22.56 -36.68 -2.85
C LYS A 337 -21.51 -35.71 -2.31
N SER A 338 -21.97 -34.60 -1.71
CA SER A 338 -21.02 -33.61 -1.20
C SER A 338 -20.36 -34.08 0.10
N LEU A 339 -19.05 -33.91 0.17
CA LEU A 339 -18.31 -34.22 1.41
C LEU A 339 -18.00 -32.93 2.17
N ASP A 340 -18.27 -31.82 1.53
CA ASP A 340 -17.97 -30.47 2.01
C ASP A 340 -16.45 -30.29 2.06
N MET A 341 -15.94 -29.45 2.97
CA MET A 341 -14.53 -29.06 2.93
C MET A 341 -13.59 -30.05 3.58
N LEU A 342 -12.47 -30.30 2.94
CA LEU A 342 -11.49 -31.15 3.60
C LEU A 342 -10.38 -30.32 4.23
N GLY A 343 -9.61 -30.94 5.13
CA GLY A 343 -8.45 -30.27 5.66
C GLY A 343 -8.45 -30.18 7.19
N MET A 344 -7.41 -29.53 7.71
CA MET A 344 -7.24 -29.26 9.13
C MET A 344 -8.51 -28.70 9.78
N HIS A 345 -9.24 -27.85 9.06
CA HIS A 345 -10.47 -27.27 9.55
C HIS A 345 -11.67 -27.74 8.77
N GLY A 346 -11.48 -28.80 7.97
CA GLY A 346 -12.56 -29.33 7.17
C GLY A 346 -13.36 -30.27 8.03
N CYS A 347 -14.38 -30.90 7.48
CA CYS A 347 -15.13 -31.78 8.34
C CYS A 347 -14.55 -33.21 8.32
N ALA A 348 -14.88 -33.96 9.36
CA ALA A 348 -14.24 -35.24 9.58
C ALA A 348 -14.57 -36.19 8.43
N THR A 349 -15.82 -36.13 7.96
CA THR A 349 -16.27 -37.03 6.90
C THR A 349 -15.44 -36.85 5.61
N ALA A 350 -15.17 -35.60 5.23
CA ALA A 350 -14.32 -35.36 4.06
C ALA A 350 -12.95 -36.01 4.29
N ASN A 351 -12.38 -35.80 5.47
CA ASN A 351 -11.02 -36.28 5.75
C ASN A 351 -10.97 -37.79 5.80
N LEU A 352 -12.01 -38.40 6.37
CA LEU A 352 -12.07 -39.86 6.46
C LEU A 352 -12.27 -40.49 5.07
N ALA A 353 -13.04 -39.83 4.22
CA ALA A 353 -13.28 -40.36 2.88
C ALA A 353 -11.95 -40.37 2.12
N VAL A 354 -11.24 -39.26 2.21
CA VAL A 354 -9.95 -39.14 1.57
C VAL A 354 -8.96 -40.13 2.16
N GLN A 355 -9.05 -40.40 3.46
CA GLN A 355 -8.10 -41.30 4.11
C GLN A 355 -8.38 -42.78 3.69
N ASN A 356 -9.63 -43.06 3.34
CA ASN A 356 -10.04 -44.42 3.01
C ASN A 356 -10.25 -44.69 1.52
N ALA A 357 -10.14 -43.66 0.70
CA ALA A 357 -10.34 -43.76 -0.77
C ALA A 357 -9.28 -44.69 -1.42
N ASP A 358 -9.67 -45.50 -2.42
CA ASP A 358 -8.62 -46.21 -3.18
C ASP A 358 -8.13 -45.33 -4.33
N LEU A 359 -8.81 -44.21 -4.58
CA LEU A 359 -8.41 -43.32 -5.67
C LEU A 359 -8.78 -41.88 -5.32
N ILE A 360 -7.77 -41.02 -5.35
CA ILE A 360 -7.98 -39.58 -5.22
C ILE A 360 -7.85 -38.92 -6.58
N ILE A 361 -8.91 -38.24 -7.01
CA ILE A 361 -8.89 -37.53 -8.26
C ILE A 361 -8.78 -36.03 -7.94
N ALA A 362 -7.59 -35.47 -8.06
CA ALA A 362 -7.35 -34.10 -7.63
C ALA A 362 -7.53 -33.20 -8.83
N VAL A 363 -8.40 -32.21 -8.70
CA VAL A 363 -8.81 -31.36 -9.79
C VAL A 363 -8.59 -29.88 -9.43
N GLY A 364 -7.60 -29.26 -10.05
CA GLY A 364 -7.32 -27.85 -9.78
C GLY A 364 -7.07 -27.56 -8.30
N ALA A 365 -6.22 -28.37 -7.66
CA ALA A 365 -5.94 -28.22 -6.22
C ALA A 365 -4.47 -28.43 -5.92
N ARG A 366 -3.96 -27.75 -4.90
CA ARG A 366 -2.50 -27.67 -4.75
C ARG A 366 -1.89 -28.69 -3.79
N PHE A 367 -2.71 -29.44 -3.08
CA PHE A 367 -2.23 -30.35 -2.01
C PHE A 367 -1.52 -29.54 -0.92
N ASP A 368 -2.16 -28.45 -0.50
CA ASP A 368 -1.64 -27.63 0.58
C ASP A 368 -1.55 -28.43 1.87
N ASP A 369 -0.58 -28.09 2.72
CA ASP A 369 -0.37 -28.92 3.91
C ASP A 369 -1.47 -28.71 4.93
N ARG A 370 -2.25 -27.64 4.79
CA ARG A 370 -3.42 -27.44 5.65
C ARG A 370 -4.54 -28.38 5.23
N VAL A 371 -4.44 -28.88 3.99
CA VAL A 371 -5.38 -29.84 3.44
C VAL A 371 -4.91 -31.27 3.72
N THR A 372 -3.64 -31.55 3.42
CA THR A 372 -3.14 -32.92 3.57
C THR A 372 -2.71 -33.33 4.97
N GLY A 373 -2.37 -32.37 5.83
CA GLY A 373 -1.58 -32.68 7.03
C GLY A 373 -0.25 -33.33 6.66
N ASN A 374 0.36 -34.09 7.58
CA ASN A 374 1.66 -34.69 7.28
C ASN A 374 1.53 -35.55 6.04
N ILE A 375 2.25 -35.13 4.99
CA ILE A 375 2.09 -35.71 3.67
C ILE A 375 2.33 -37.23 3.67
N SER A 376 3.24 -37.71 4.52
CA SER A 376 3.54 -39.14 4.51
C SER A 376 2.39 -39.95 5.10
N LYS A 377 1.49 -39.30 5.84
CA LYS A 377 0.35 -40.00 6.42
C LYS A 377 -0.97 -39.80 5.62
N PHE A 378 -0.87 -38.99 4.58
CA PHE A 378 -2.00 -38.61 3.73
C PHE A 378 -2.47 -39.71 2.75
N ALA A 379 -3.78 -39.92 2.66
CA ALA A 379 -4.35 -40.91 1.70
C ALA A 379 -3.66 -42.28 1.76
N PRO A 380 -3.61 -42.90 2.96
CA PRO A 380 -2.91 -44.19 3.04
C PRO A 380 -3.57 -45.27 2.20
N GLU A 381 -4.88 -45.20 2.04
CA GLU A 381 -5.53 -46.28 1.27
C GLU A 381 -5.25 -46.08 -0.24
N ALA A 382 -5.15 -44.84 -0.68
CA ALA A 382 -4.77 -44.56 -2.07
C ALA A 382 -3.31 -44.97 -2.36
N ARG A 383 -2.42 -44.67 -1.42
CA ARG A 383 -1.05 -45.16 -1.53
C ARG A 383 -1.00 -46.67 -1.59
N ARG A 384 -1.78 -47.35 -0.75
CA ARG A 384 -1.79 -48.81 -0.81
C ARG A 384 -2.32 -49.30 -2.16
N ALA A 385 -3.38 -48.66 -2.65
CA ALA A 385 -3.92 -49.08 -3.94
C ALA A 385 -2.87 -48.88 -5.05
N ALA A 386 -2.18 -47.75 -5.03
CA ALA A 386 -1.09 -47.52 -5.97
C ALA A 386 -0.03 -48.61 -5.86
N ALA A 387 0.40 -48.93 -4.63
CA ALA A 387 1.35 -50.03 -4.44
C ALA A 387 0.85 -51.32 -5.04
N GLU A 388 -0.47 -51.49 -5.10
CA GLU A 388 -1.01 -52.78 -5.56
C GLU A 388 -1.49 -52.66 -7.01
N GLY A 389 -1.24 -51.52 -7.64
CA GLY A 389 -1.53 -51.42 -9.06
C GLY A 389 -3.00 -51.21 -9.38
N ARG A 390 -3.75 -50.66 -8.42
CA ARG A 390 -5.23 -50.59 -8.60
C ARG A 390 -5.82 -49.28 -8.15
N GLY A 391 -4.98 -48.25 -7.99
CA GLY A 391 -5.49 -46.94 -7.66
C GLY A 391 -4.38 -45.96 -7.41
N GLY A 392 -4.62 -45.00 -6.54
CA GLY A 392 -3.61 -44.01 -6.21
C GLY A 392 -4.14 -42.61 -6.35
N ILE A 393 -3.36 -41.75 -7.00
CA ILE A 393 -3.72 -40.35 -7.10
C ILE A 393 -3.60 -39.88 -8.55
N ILE A 394 -4.67 -39.26 -9.05
CA ILE A 394 -4.66 -38.60 -10.34
C ILE A 394 -4.68 -37.09 -10.10
N HIS A 395 -3.91 -36.33 -10.88
CA HIS A 395 -3.82 -34.90 -10.70
C HIS A 395 -4.04 -34.13 -12.01
N PHE A 396 -5.16 -33.42 -12.10
CA PHE A 396 -5.48 -32.52 -13.22
C PHE A 396 -4.90 -31.17 -12.87
N GLU A 397 -3.77 -30.81 -13.49
CA GLU A 397 -3.04 -29.60 -13.05
C GLU A 397 -2.52 -28.83 -14.26
N VAL A 398 -2.67 -27.51 -14.23
CA VAL A 398 -2.33 -26.72 -15.39
C VAL A 398 -0.83 -26.35 -15.43
N SER A 399 -0.18 -26.26 -14.25
CA SER A 399 1.25 -25.89 -14.22
C SER A 399 2.12 -27.10 -13.97
N PRO A 400 2.91 -27.50 -14.98
CA PRO A 400 3.81 -28.65 -14.86
C PRO A 400 4.71 -28.55 -13.63
N LYS A 401 5.12 -27.35 -13.24
CA LYS A 401 5.90 -27.21 -12.01
C LYS A 401 5.18 -27.72 -10.74
N ASN A 402 3.86 -27.72 -10.75
CA ASN A 402 3.11 -28.14 -9.57
C ASN A 402 2.82 -29.65 -9.59
N ILE A 403 3.31 -30.34 -10.60
CA ILE A 403 2.98 -31.75 -10.71
C ILE A 403 4.09 -32.57 -10.04
N ASN A 404 3.69 -33.49 -9.16
CA ASN A 404 4.65 -34.28 -8.39
C ASN A 404 5.56 -33.39 -7.57
N LYS A 405 5.04 -32.27 -7.12
CA LYS A 405 5.84 -31.36 -6.30
C LYS A 405 5.69 -31.70 -4.82
N VAL A 406 4.50 -32.18 -4.46
CA VAL A 406 4.15 -32.45 -3.07
C VAL A 406 3.90 -33.93 -2.86
N VAL A 407 3.04 -34.52 -3.70
CA VAL A 407 2.74 -35.94 -3.63
C VAL A 407 3.15 -36.58 -4.95
N GLN A 408 3.70 -37.78 -4.92
CA GLN A 408 3.96 -38.50 -6.15
C GLN A 408 2.58 -38.95 -6.67
N THR A 409 2.31 -38.76 -7.96
CA THR A 409 0.99 -39.13 -8.50
C THR A 409 1.11 -40.28 -9.43
N GLN A 410 0.05 -41.06 -9.57
CA GLN A 410 0.13 -42.17 -10.51
C GLN A 410 -0.05 -41.66 -11.94
N ILE A 411 -0.92 -40.68 -12.09
CA ILE A 411 -1.21 -40.11 -13.40
C ILE A 411 -1.39 -38.61 -13.25
N ALA A 412 -0.65 -37.84 -14.05
CA ALA A 412 -0.85 -36.40 -14.12
C ALA A 412 -1.47 -36.03 -15.47
N VAL A 413 -2.54 -35.25 -15.45
CA VAL A 413 -3.20 -34.81 -16.66
C VAL A 413 -2.94 -33.30 -16.75
N GLU A 414 -2.02 -32.93 -17.63
CA GLU A 414 -1.48 -31.60 -17.63
C GLU A 414 -2.36 -30.70 -18.46
N GLY A 415 -2.64 -29.50 -17.97
CA GLY A 415 -3.43 -28.57 -18.75
C GLY A 415 -4.68 -28.13 -18.01
N ASP A 416 -5.57 -27.46 -18.73
CA ASP A 416 -6.78 -26.93 -18.11
C ASP A 416 -7.68 -28.09 -17.65
N ALA A 417 -8.05 -28.07 -16.38
CA ALA A 417 -8.83 -29.20 -15.80
C ALA A 417 -10.17 -29.35 -16.51
N THR A 418 -10.90 -28.25 -16.66
CA THR A 418 -12.22 -28.28 -17.31
C THR A 418 -12.12 -28.90 -18.72
N THR A 419 -11.18 -28.42 -19.49
CA THR A 419 -10.95 -28.96 -20.83
C THR A 419 -10.70 -30.47 -20.77
N ASN A 420 -9.86 -30.89 -19.83
CA ASN A 420 -9.45 -32.29 -19.82
C ASN A 420 -10.56 -33.19 -19.27
N LEU A 421 -11.34 -32.69 -18.31
CA LEU A 421 -12.54 -33.41 -17.85
C LEU A 421 -13.49 -33.63 -19.02
N GLY A 422 -13.63 -32.59 -19.85
CA GLY A 422 -14.50 -32.71 -21.01
C GLY A 422 -14.04 -33.78 -21.97
N LYS A 423 -12.74 -33.81 -22.26
CA LYS A 423 -12.18 -34.85 -23.14
C LYS A 423 -12.31 -36.23 -22.52
N MET A 424 -12.26 -36.29 -21.19
CA MET A 424 -12.27 -37.59 -20.51
C MET A 424 -13.65 -38.26 -20.44
N MET A 425 -14.70 -37.42 -20.44
CA MET A 425 -16.02 -37.80 -19.95
C MET A 425 -16.57 -39.01 -20.66
N SER A 426 -16.39 -39.06 -21.98
CA SER A 426 -17.02 -40.16 -22.76
C SER A 426 -16.33 -41.47 -22.48
N LYS A 427 -15.16 -41.45 -21.82
CA LYS A 427 -14.42 -42.68 -21.53
C LYS A 427 -14.75 -43.25 -20.16
N ILE A 428 -15.59 -42.53 -19.42
CA ILE A 428 -15.96 -42.89 -18.05
C ILE A 428 -17.14 -43.86 -18.05
N PHE A 429 -16.99 -44.97 -17.35
CA PHE A 429 -18.07 -45.92 -17.24
C PHE A 429 -19.17 -45.41 -16.33
N PRO A 430 -20.43 -45.37 -16.80
CA PRO A 430 -21.51 -44.93 -15.90
C PRO A 430 -21.77 -45.96 -14.79
N VAL A 431 -21.64 -45.48 -13.56
CA VAL A 431 -21.75 -46.34 -12.37
C VAL A 431 -23.10 -46.08 -11.73
N LYS A 432 -23.90 -47.12 -11.57
CA LYS A 432 -25.25 -46.94 -11.05
C LYS A 432 -25.21 -46.59 -9.57
N GLU A 433 -24.39 -47.31 -8.81
CA GLU A 433 -24.36 -47.10 -7.37
C GLU A 433 -23.03 -47.50 -6.77
N ARG A 434 -22.70 -46.83 -5.66
CA ARG A 434 -21.64 -47.24 -4.77
C ARG A 434 -22.26 -47.26 -3.40
N SER A 435 -23.15 -48.21 -3.16
CA SER A 435 -23.98 -48.22 -1.96
C SER A 435 -23.23 -48.26 -0.65
N GLU A 436 -22.25 -49.17 -0.56
CA GLU A 436 -21.42 -49.32 0.64
C GLU A 436 -20.61 -48.08 0.93
N TRP A 437 -20.04 -47.49 -0.12
CA TRP A 437 -19.15 -46.36 0.02
C TRP A 437 -19.97 -45.17 0.53
N PHE A 438 -21.10 -44.87 -0.12
CA PHE A 438 -21.93 -43.77 0.39
C PHE A 438 -22.59 -44.08 1.74
N ALA A 439 -22.83 -45.36 2.04
CA ALA A 439 -23.34 -45.70 3.37
C ALA A 439 -22.28 -45.39 4.44
N GLN A 440 -21.03 -45.73 4.17
CA GLN A 440 -19.95 -45.42 5.12
C GLN A 440 -19.85 -43.90 5.32
N ILE A 441 -19.91 -43.16 4.21
CA ILE A 441 -19.80 -41.71 4.22
C ILE A 441 -20.96 -41.09 5.04
N ASN A 442 -22.17 -41.57 4.82
CA ASN A 442 -23.33 -41.01 5.49
C ASN A 442 -23.35 -41.37 6.98
N LYS A 443 -22.77 -42.52 7.33
CA LYS A 443 -22.57 -42.87 8.73
C LYS A 443 -21.63 -41.88 9.42
N TRP A 444 -20.52 -41.57 8.76
CA TRP A 444 -19.57 -40.60 9.24
C TRP A 444 -20.20 -39.20 9.42
N LYS A 445 -20.98 -38.77 8.44
CA LYS A 445 -21.65 -37.47 8.51
C LYS A 445 -22.49 -37.39 9.80
N LYS A 446 -23.12 -38.49 10.15
CA LYS A 446 -23.94 -38.52 11.35
C LYS A 446 -23.08 -38.56 12.62
N GLU A 447 -22.00 -39.32 12.59
CA GLU A 447 -21.14 -39.47 13.76
C GLU A 447 -20.33 -38.21 14.05
N TYR A 448 -19.92 -37.48 13.01
CA TYR A 448 -18.94 -36.38 13.17
C TYR A 448 -19.30 -35.02 12.55
N PRO A 449 -20.42 -34.39 12.97
CA PRO A 449 -20.66 -33.02 12.46
C PRO A 449 -19.65 -32.00 13.02
N TYR A 450 -19.52 -30.83 12.38
CA TYR A 450 -18.83 -29.71 13.02
C TYR A 450 -19.44 -29.51 14.40
N ALA A 451 -18.60 -29.21 15.39
CA ALA A 451 -19.07 -28.96 16.75
C ALA A 451 -18.43 -27.70 17.33
N TYR A 452 -19.19 -26.99 18.15
CA TYR A 452 -18.69 -25.79 18.83
C TYR A 452 -19.64 -25.51 20.00
N MET A 453 -19.16 -24.79 21.03
CA MET A 453 -20.02 -24.50 22.19
C MET A 453 -21.08 -23.49 21.77
N GLU A 454 -22.34 -23.91 21.79
CA GLU A 454 -23.44 -23.06 21.35
C GLU A 454 -23.93 -22.18 22.50
N GLU A 455 -24.79 -21.22 22.17
CA GLU A 455 -25.32 -20.31 23.16
C GLU A 455 -26.05 -21.06 24.27
N THR A 456 -25.98 -20.48 25.47
CA THR A 456 -26.81 -20.86 26.59
C THR A 456 -27.50 -19.57 27.06
N PRO A 457 -28.62 -19.69 27.81
CA PRO A 457 -29.35 -18.52 28.31
C PRO A 457 -28.47 -17.43 28.92
N GLY A 458 -28.56 -16.21 28.39
CA GLY A 458 -27.78 -15.11 28.91
C GLY A 458 -26.36 -15.02 28.37
N SER A 459 -25.90 -16.06 27.69
CA SER A 459 -24.54 -16.04 27.18
C SER A 459 -24.41 -15.09 26.00
N LYS A 460 -23.18 -14.66 25.74
CA LYS A 460 -22.92 -13.90 24.54
C LYS A 460 -23.15 -14.77 23.30
N ILE A 461 -23.41 -14.10 22.18
CA ILE A 461 -23.66 -14.75 20.90
C ILE A 461 -22.38 -15.39 20.36
N LYS A 462 -22.50 -16.60 19.79
CA LYS A 462 -21.37 -17.26 19.12
C LYS A 462 -21.30 -16.89 17.65
N PRO A 463 -20.11 -16.57 17.15
CA PRO A 463 -20.00 -16.16 15.75
C PRO A 463 -20.43 -17.28 14.82
N GLN A 464 -20.19 -18.53 15.18
CA GLN A 464 -20.59 -19.61 14.27
C GLN A 464 -22.12 -19.60 14.12
N THR A 465 -22.82 -19.29 15.20
CA THR A 465 -24.29 -19.21 15.17
C THR A 465 -24.79 -18.09 14.23
N VAL A 466 -24.13 -16.95 14.27
CA VAL A 466 -24.50 -15.86 13.38
C VAL A 466 -24.38 -16.34 11.94
N ILE A 467 -23.27 -16.99 11.65
CA ILE A 467 -23.01 -17.38 10.26
C ILE A 467 -24.04 -18.40 9.77
N LYS A 468 -24.37 -19.37 10.61
CA LYS A 468 -25.35 -20.40 10.27
C LYS A 468 -26.71 -19.77 10.03
N LYS A 469 -27.13 -18.93 10.95
CA LYS A 469 -28.41 -18.27 10.83
C LYS A 469 -28.46 -17.39 9.58
N LEU A 470 -27.38 -16.64 9.33
CA LEU A 470 -27.33 -15.74 8.19
C LEU A 470 -27.30 -16.52 6.85
N SER A 471 -26.60 -17.65 6.81
CA SER A 471 -26.63 -18.49 5.62
C SER A 471 -28.07 -18.85 5.26
N LYS A 472 -28.88 -19.20 6.27
CA LYS A 472 -30.25 -19.61 6.01
C LYS A 472 -31.13 -18.41 5.55
N VAL A 473 -31.03 -17.31 6.27
CA VAL A 473 -31.72 -16.07 5.93
C VAL A 473 -31.36 -15.63 4.49
N ALA A 474 -30.07 -15.62 4.17
CA ALA A 474 -29.65 -15.22 2.82
C ALA A 474 -30.21 -16.18 1.78
N ASN A 475 -30.10 -17.46 2.02
CA ASN A 475 -30.64 -18.41 1.06
C ASN A 475 -32.16 -18.28 0.85
N ASP A 476 -32.93 -17.98 1.90
CA ASP A 476 -34.39 -17.87 1.78
C ASP A 476 -34.82 -16.62 1.01
N THR A 477 -33.88 -15.72 0.71
CA THR A 477 -34.25 -14.56 -0.11
C THR A 477 -34.56 -14.99 -1.54
N GLY A 478 -34.07 -16.15 -1.93
CA GLY A 478 -34.19 -16.63 -3.29
C GLY A 478 -33.12 -16.05 -4.22
N ARG A 479 -32.31 -15.13 -3.72
CA ARG A 479 -31.35 -14.41 -4.56
C ARG A 479 -30.08 -15.19 -4.77
N HIS A 480 -29.30 -14.81 -5.78
CA HIS A 480 -27.94 -15.30 -5.91
C HIS A 480 -27.12 -14.58 -4.82
N VAL A 481 -26.33 -15.31 -4.05
CA VAL A 481 -25.66 -14.72 -2.90
C VAL A 481 -24.18 -14.92 -3.00
N ILE A 482 -23.42 -13.84 -2.84
CA ILE A 482 -21.94 -13.92 -2.88
C ILE A 482 -21.39 -13.50 -1.52
N VAL A 483 -20.40 -14.23 -1.02
CA VAL A 483 -19.83 -13.93 0.31
C VAL A 483 -18.37 -13.58 0.18
N THR A 484 -17.98 -12.45 0.77
CA THR A 484 -16.54 -12.15 0.89
C THR A 484 -16.22 -12.21 2.38
N THR A 485 -14.94 -12.23 2.74
CA THR A 485 -14.58 -12.17 4.16
C THR A 485 -13.33 -11.36 4.38
N GLY A 486 -13.08 -11.07 5.65
CA GLY A 486 -11.80 -10.56 6.10
C GLY A 486 -10.89 -11.74 6.43
N VAL A 487 -9.93 -11.51 7.29
CA VAL A 487 -8.94 -12.52 7.59
C VAL A 487 -8.91 -12.68 9.12
N GLY A 488 -8.97 -13.92 9.61
CA GLY A 488 -9.00 -14.13 11.05
C GLY A 488 -9.91 -15.32 11.34
N GLN A 489 -10.29 -15.51 12.61
CA GLN A 489 -11.16 -16.65 12.91
C GLN A 489 -12.48 -16.65 12.12
N HIS A 490 -13.05 -15.46 11.88
CA HIS A 490 -14.34 -15.39 11.19
C HIS A 490 -14.24 -15.95 9.77
N GLN A 491 -13.04 -15.90 9.19
CA GLN A 491 -12.84 -16.36 7.81
C GLN A 491 -13.02 -17.89 7.75
N MET A 492 -12.40 -18.58 8.69
CA MET A 492 -12.60 -20.01 8.80
C MET A 492 -14.04 -20.38 9.16
N TRP A 493 -14.67 -19.63 10.06
CA TRP A 493 -16.04 -19.97 10.46
C TRP A 493 -16.97 -19.79 9.28
N ALA A 494 -16.71 -18.79 8.45
CA ALA A 494 -17.52 -18.60 7.25
C ALA A 494 -17.40 -19.81 6.30
N ALA A 495 -16.16 -20.23 6.07
CA ALA A 495 -15.91 -21.37 5.19
C ALA A 495 -16.65 -22.61 5.69
N GLN A 496 -16.55 -22.87 6.99
CA GLN A 496 -17.15 -24.07 7.55
C GLN A 496 -18.67 -24.01 7.64
N HIS A 497 -19.19 -22.89 8.14
CA HIS A 497 -20.58 -22.91 8.60
C HIS A 497 -21.59 -22.31 7.64
N TRP A 498 -21.12 -21.70 6.56
CA TRP A 498 -22.00 -21.23 5.49
C TRP A 498 -22.35 -22.48 4.65
N THR A 499 -23.54 -22.56 4.08
CA THR A 499 -23.83 -23.62 3.12
C THR A 499 -23.53 -23.17 1.67
N TRP A 500 -22.49 -23.75 1.08
CA TRP A 500 -22.05 -23.29 -0.23
C TRP A 500 -22.83 -24.01 -1.31
N ARG A 501 -23.33 -23.25 -2.28
CA ARG A 501 -24.20 -23.84 -3.27
C ARG A 501 -23.79 -23.57 -4.73
N ASN A 502 -23.23 -22.40 -5.00
CA ASN A 502 -22.98 -21.92 -6.37
C ASN A 502 -21.55 -21.51 -6.60
N PRO A 503 -21.05 -21.64 -7.85
CA PRO A 503 -19.63 -21.29 -8.06
C PRO A 503 -19.41 -19.78 -8.10
N HIS A 504 -18.18 -19.36 -7.84
CA HIS A 504 -17.80 -17.94 -7.85
C HIS A 504 -18.60 -17.16 -6.79
N THR A 505 -18.80 -17.79 -5.62
CA THR A 505 -19.54 -17.11 -4.55
C THR A 505 -18.79 -17.04 -3.23
N PHE A 506 -17.58 -17.65 -3.15
CA PHE A 506 -16.80 -17.49 -1.92
C PHE A 506 -15.55 -16.77 -2.28
N ILE A 507 -15.39 -15.54 -1.77
CA ILE A 507 -14.34 -14.65 -2.24
C ILE A 507 -13.54 -14.26 -1.01
N THR A 508 -12.39 -14.92 -0.83
CA THR A 508 -11.70 -14.79 0.43
C THR A 508 -10.20 -14.85 0.13
N SER A 509 -9.43 -14.13 0.91
CA SER A 509 -7.99 -14.06 0.68
C SER A 509 -7.31 -15.27 1.36
N GLY A 510 -6.92 -16.25 0.58
CA GLY A 510 -6.37 -17.45 1.20
C GLY A 510 -4.87 -17.52 1.14
N GLY A 511 -4.28 -17.15 0.00
CA GLY A 511 -2.86 -17.38 -0.14
C GLY A 511 -2.03 -16.35 0.57
N LEU A 512 -2.44 -15.08 0.53
CA LEU A 512 -1.70 -14.06 1.27
C LEU A 512 -2.35 -13.71 2.63
N GLY A 513 -3.67 -13.93 2.75
CA GLY A 513 -4.38 -13.62 4.00
C GLY A 513 -4.36 -12.12 4.30
N THR A 514 -4.80 -11.31 3.35
CA THR A 514 -4.72 -9.84 3.52
C THR A 514 -5.89 -9.31 4.35
N MET A 515 -5.64 -8.90 5.60
CA MET A 515 -6.69 -8.19 6.34
C MET A 515 -7.19 -6.98 5.56
N GLY A 516 -8.50 -6.71 5.59
CA GLY A 516 -9.06 -5.53 4.93
C GLY A 516 -9.58 -5.90 3.56
N TYR A 517 -9.43 -7.18 3.18
CA TYR A 517 -9.90 -7.64 1.87
C TYR A 517 -11.41 -7.55 1.72
N GLY A 518 -12.15 -7.85 2.79
CA GLY A 518 -13.56 -8.16 2.64
C GLY A 518 -14.43 -7.07 2.03
N LEU A 519 -14.23 -5.84 2.47
CA LEU A 519 -15.12 -4.74 2.03
C LEU A 519 -14.84 -4.38 0.54
N PRO A 520 -13.59 -4.05 0.16
CA PRO A 520 -13.42 -3.71 -1.26
C PRO A 520 -13.69 -4.92 -2.15
N ALA A 521 -13.36 -6.15 -1.70
CA ALA A 521 -13.71 -7.31 -2.56
C ALA A 521 -15.20 -7.39 -2.78
N ALA A 522 -16.00 -7.12 -1.73
CA ALA A 522 -17.47 -7.16 -1.89
C ALA A 522 -17.93 -6.09 -2.87
N ILE A 523 -17.31 -4.91 -2.78
CA ILE A 523 -17.73 -3.84 -3.72
C ILE A 523 -17.44 -4.27 -5.17
N GLY A 524 -16.26 -4.83 -5.43
CA GLY A 524 -15.94 -5.26 -6.78
C GLY A 524 -16.82 -6.43 -7.23
N ALA A 525 -17.12 -7.36 -6.34
CA ALA A 525 -18.01 -8.48 -6.66
C ALA A 525 -19.39 -7.96 -6.97
N GLN A 526 -19.86 -6.97 -6.20
CA GLN A 526 -21.19 -6.38 -6.45
C GLN A 526 -21.22 -5.68 -7.82
N VAL A 527 -20.14 -5.01 -8.18
CA VAL A 527 -20.07 -4.38 -9.52
C VAL A 527 -20.17 -5.47 -10.61
N ALA A 528 -19.51 -6.61 -10.37
CA ALA A 528 -19.52 -7.69 -11.34
C ALA A 528 -20.92 -8.30 -11.49
N LYS A 529 -21.65 -8.36 -10.38
CA LYS A 529 -22.94 -9.07 -10.32
C LYS A 529 -23.96 -8.17 -9.64
N PRO A 530 -24.45 -7.15 -10.35
CA PRO A 530 -25.23 -6.12 -9.65
C PRO A 530 -26.55 -6.64 -9.09
N GLU A 531 -27.04 -7.79 -9.55
CA GLU A 531 -28.30 -8.34 -9.02
C GLU A 531 -28.09 -9.28 -7.81
N SER A 532 -26.85 -9.63 -7.53
CA SER A 532 -26.56 -10.56 -6.42
C SER A 532 -26.67 -9.84 -5.07
N LEU A 533 -27.04 -10.60 -4.03
CA LEU A 533 -26.85 -10.17 -2.64
C LEU A 533 -25.39 -10.43 -2.29
N VAL A 534 -24.65 -9.40 -1.89
CA VAL A 534 -23.24 -9.57 -1.60
C VAL A 534 -23.01 -9.25 -0.14
N ILE A 535 -22.49 -10.24 0.59
CA ILE A 535 -22.32 -10.10 2.03
C ILE A 535 -20.83 -10.20 2.33
N ASP A 536 -20.31 -9.25 3.11
CA ASP A 536 -18.94 -9.32 3.63
C ASP A 536 -19.00 -9.83 5.06
N ILE A 537 -18.53 -11.06 5.33
CA ILE A 537 -18.44 -11.54 6.71
C ILE A 537 -17.07 -11.12 7.22
N ASP A 538 -17.05 -10.12 8.10
CA ASP A 538 -15.78 -9.44 8.43
C ASP A 538 -15.51 -9.49 9.93
N GLY A 539 -14.24 -9.28 10.29
CA GLY A 539 -13.88 -9.14 11.69
C GLY A 539 -13.57 -7.68 12.01
N ASP A 540 -13.55 -7.32 13.28
CA ASP A 540 -13.34 -5.92 13.58
C ASP A 540 -11.93 -5.44 13.16
N ALA A 541 -10.87 -6.20 13.46
CA ALA A 541 -9.53 -5.69 13.13
C ALA A 541 -9.35 -5.61 11.60
N SER A 542 -9.79 -6.62 10.88
CA SER A 542 -9.68 -6.66 9.42
C SER A 542 -10.44 -5.49 8.83
N PHE A 543 -11.66 -5.28 9.33
CA PHE A 543 -12.53 -4.25 8.77
C PHE A 543 -11.89 -2.85 8.90
N ASN A 544 -11.24 -2.60 10.04
CA ASN A 544 -10.57 -1.32 10.28
C ASN A 544 -9.46 -1.03 9.26
N MET A 545 -8.90 -2.06 8.65
CA MET A 545 -7.82 -1.82 7.68
C MET A 545 -8.29 -0.92 6.55
N THR A 546 -9.49 -1.16 6.01
CA THR A 546 -9.88 -0.55 4.72
C THR A 546 -11.27 0.09 4.84
N LEU A 547 -11.73 0.35 6.08
CA LEU A 547 -13.10 0.89 6.24
C LEU A 547 -13.35 2.20 5.50
N THR A 548 -12.28 2.89 5.05
CA THR A 548 -12.54 4.14 4.31
C THR A 548 -13.34 3.85 3.06
N GLU A 549 -13.32 2.60 2.58
CA GLU A 549 -14.06 2.31 1.34
C GLU A 549 -15.56 2.24 1.53
N LEU A 550 -16.06 2.36 2.77
CA LEU A 550 -17.49 2.41 2.91
C LEU A 550 -18.12 3.51 2.01
N SER A 551 -17.51 4.70 1.96
CA SER A 551 -18.11 5.78 1.15
C SER A 551 -18.00 5.41 -0.33
N SER A 552 -17.00 4.61 -0.69
CA SER A 552 -16.88 4.17 -2.10
C SER A 552 -18.03 3.28 -2.51
N ALA A 553 -18.51 2.48 -1.56
CA ALA A 553 -19.69 1.61 -1.85
C ALA A 553 -20.92 2.46 -2.14
N VAL A 554 -21.10 3.51 -1.34
CA VAL A 554 -22.23 4.42 -1.58
C VAL A 554 -22.09 5.10 -2.96
N GLN A 555 -20.90 5.62 -3.25
CA GLN A 555 -20.71 6.33 -4.54
C GLN A 555 -20.87 5.38 -5.76
N ALA A 556 -20.40 4.16 -5.62
CA ALA A 556 -20.49 3.18 -6.70
C ALA A 556 -21.89 2.59 -6.84
N GLY A 557 -22.78 2.89 -5.90
CA GLY A 557 -24.14 2.31 -5.91
C GLY A 557 -24.11 0.80 -5.71
N THR A 558 -23.18 0.29 -4.92
CA THR A 558 -23.11 -1.16 -4.65
C THR A 558 -23.70 -1.41 -3.27
N PRO A 559 -24.91 -2.00 -3.19
CA PRO A 559 -25.58 -2.12 -1.88
C PRO A 559 -25.06 -3.34 -1.08
N VAL A 560 -23.76 -3.34 -0.79
CA VAL A 560 -23.14 -4.46 -0.08
C VAL A 560 -23.67 -4.55 1.35
N LYS A 561 -23.74 -5.77 1.86
CA LYS A 561 -24.20 -6.05 3.25
C LYS A 561 -22.94 -6.37 4.05
N ILE A 562 -22.53 -5.46 4.92
CA ILE A 562 -21.30 -5.65 5.69
C ILE A 562 -21.61 -6.17 7.10
N LEU A 563 -21.13 -7.37 7.40
CA LEU A 563 -21.36 -7.96 8.73
C LEU A 563 -20.07 -7.83 9.53
N ILE A 564 -20.11 -7.18 10.69
CA ILE A 564 -18.92 -7.13 11.51
C ILE A 564 -19.15 -8.02 12.72
N LEU A 565 -18.37 -9.09 12.81
CA LEU A 565 -18.40 -9.93 14.02
C LEU A 565 -17.39 -9.34 15.01
N ASN A 566 -17.90 -8.62 16.00
CA ASN A 566 -17.01 -7.87 16.86
C ASN A 566 -16.76 -8.66 18.12
N ASN A 567 -15.58 -9.29 18.22
CA ASN A 567 -15.19 -10.05 19.42
C ASN A 567 -14.18 -9.29 20.29
N GLU A 568 -14.07 -7.98 20.10
CA GLU A 568 -13.17 -7.19 20.92
C GLU A 568 -13.90 -6.80 22.20
N GLU A 569 -13.37 -7.27 23.34
CA GLU A 569 -13.99 -7.03 24.66
C GLU A 569 -13.95 -5.56 25.06
N HIS A 587 -2.91 -8.72 26.63
CA HIS A 587 -2.30 -8.74 25.30
C HIS A 587 -2.70 -7.49 24.49
N THR A 588 -3.00 -7.64 23.20
CA THR A 588 -3.26 -6.50 22.30
C THR A 588 -4.73 -6.10 22.22
N HIS A 589 -5.04 -4.91 22.72
CA HIS A 589 -6.39 -4.35 22.66
C HIS A 589 -6.44 -3.18 21.67
N GLN A 590 -7.28 -3.25 20.66
CA GLN A 590 -7.44 -2.14 19.72
C GLN A 590 -8.74 -1.36 19.96
N LEU A 591 -8.67 -0.04 19.95
CA LEU A 591 -9.85 0.78 20.05
C LEU A 591 -10.61 0.77 18.73
N ASN A 592 -11.86 0.31 18.75
CA ASN A 592 -12.67 0.35 17.53
C ASN A 592 -13.45 1.65 17.46
N PRO A 593 -13.73 2.14 16.24
CA PRO A 593 -14.75 3.21 16.22
C PRO A 593 -16.15 2.67 16.55
N ASP A 594 -17.12 3.56 16.72
CA ASP A 594 -18.52 3.15 16.83
C ASP A 594 -18.91 2.80 15.39
N PHE A 595 -19.14 1.51 15.11
CA PHE A 595 -19.30 1.09 13.69
C PHE A 595 -20.64 1.55 13.09
N ILE A 596 -21.62 1.75 13.94
CA ILE A 596 -22.92 2.19 13.48
C ILE A 596 -22.85 3.68 13.16
N LYS A 597 -22.27 4.48 14.04
CA LYS A 597 -22.12 5.90 13.73
C LYS A 597 -21.15 6.06 12.54
N LEU A 598 -20.16 5.17 12.45
CA LEU A 598 -19.27 5.23 11.28
C LEU A 598 -20.06 5.02 9.97
N ALA A 599 -20.88 3.99 9.93
CA ALA A 599 -21.64 3.68 8.72
C ALA A 599 -22.51 4.89 8.35
N GLU A 600 -23.23 5.43 9.35
CA GLU A 600 -24.06 6.63 9.09
C GLU A 600 -23.23 7.81 8.53
N ALA A 601 -22.05 8.07 9.10
CA ALA A 601 -21.16 9.13 8.62
C ALA A 601 -20.74 8.90 7.17
N MET A 602 -20.61 7.64 6.78
CA MET A 602 -20.16 7.26 5.43
C MET A 602 -21.32 7.24 4.46
N GLY A 603 -22.54 7.30 4.98
CA GLY A 603 -23.69 7.44 4.09
C GLY A 603 -24.56 6.22 3.96
N LEU A 604 -24.45 5.30 4.92
CA LEU A 604 -25.25 4.10 4.82
C LEU A 604 -25.89 3.68 6.16
N LYS A 605 -26.85 2.76 6.09
N LYS A 605 -26.83 2.73 6.09
CA LYS A 605 -27.56 2.30 7.27
CA LYS A 605 -27.59 2.28 7.26
C LYS A 605 -26.61 1.54 8.19
C LYS A 605 -26.72 1.42 8.20
N GLY A 606 -26.76 1.72 9.49
CA GLY A 606 -25.97 0.99 10.47
C GLY A 606 -26.88 0.30 11.44
N LEU A 607 -26.65 -0.99 11.68
CA LEU A 607 -27.46 -1.78 12.63
C LEU A 607 -26.54 -2.47 13.64
N ARG A 608 -27.04 -2.66 14.85
CA ARG A 608 -26.25 -3.38 15.87
C ARG A 608 -27.05 -4.45 16.60
N VAL A 609 -26.43 -5.61 16.83
CA VAL A 609 -26.98 -6.64 17.72
C VAL A 609 -26.07 -6.83 18.93
N LYS A 610 -26.64 -6.79 20.13
CA LYS A 610 -25.90 -7.04 21.36
C LYS A 610 -26.33 -8.31 22.09
N LYS A 611 -27.56 -8.75 21.86
CA LYS A 611 -28.16 -9.86 22.62
C LYS A 611 -28.80 -10.87 21.71
N GLN A 612 -28.88 -12.11 22.18
CA GLN A 612 -29.37 -13.23 21.38
C GLN A 612 -30.76 -12.98 20.82
N GLU A 613 -31.64 -12.39 21.63
CA GLU A 613 -33.04 -12.19 21.25
C GLU A 613 -33.23 -11.18 20.11
N GLU A 614 -32.25 -10.31 19.89
CA GLU A 614 -32.30 -9.36 18.79
C GLU A 614 -31.83 -9.95 17.44
N LEU A 615 -31.17 -11.11 17.46
CA LEU A 615 -30.34 -11.48 16.32
C LEU A 615 -31.15 -11.83 15.06
N ASP A 616 -32.17 -12.68 15.22
CA ASP A 616 -32.98 -13.10 14.08
C ASP A 616 -33.57 -11.91 13.33
N ALA A 617 -34.18 -10.99 14.07
CA ALA A 617 -34.86 -9.85 13.49
C ALA A 617 -33.85 -9.02 12.74
N LYS A 618 -32.71 -8.77 13.38
CA LYS A 618 -31.74 -7.88 12.79
C LYS A 618 -31.13 -8.50 11.54
N LEU A 619 -30.92 -9.81 11.53
CA LEU A 619 -30.33 -10.44 10.34
C LEU A 619 -31.29 -10.29 9.17
N LYS A 620 -32.58 -10.49 9.44
CA LYS A 620 -33.60 -10.28 8.42
C LYS A 620 -33.64 -8.84 7.89
N GLU A 621 -33.66 -7.87 8.81
CA GLU A 621 -33.58 -6.48 8.41
C GLU A 621 -32.33 -6.17 7.61
N PHE A 622 -31.17 -6.67 8.07
CA PHE A 622 -29.87 -6.59 7.36
C PHE A 622 -30.01 -6.99 5.89
N VAL A 623 -30.44 -8.24 5.59
CA VAL A 623 -30.42 -8.67 4.19
C VAL A 623 -31.55 -8.02 3.35
N SER A 624 -32.63 -7.59 3.99
N SER A 624 -32.63 -7.58 4.00
CA SER A 624 -33.76 -7.00 3.28
CA SER A 624 -33.77 -7.01 3.27
C SER A 624 -33.55 -5.53 2.98
C SER A 624 -33.65 -5.49 3.14
N THR A 625 -32.56 -4.92 3.63
CA THR A 625 -32.33 -3.49 3.48
C THR A 625 -31.96 -3.24 2.02
N LYS A 626 -32.47 -2.17 1.42
CA LYS A 626 -32.28 -2.02 -0.02
C LYS A 626 -30.86 -1.57 -0.43
N GLY A 627 -30.32 -0.56 0.23
CA GLY A 627 -28.99 -0.05 -0.07
C GLY A 627 -27.85 -0.74 0.66
N PRO A 628 -26.69 -0.12 0.70
CA PRO A 628 -25.59 -0.68 1.50
C PRO A 628 -25.93 -0.61 2.99
N VAL A 629 -25.48 -1.58 3.78
CA VAL A 629 -25.86 -1.60 5.20
C VAL A 629 -24.76 -2.31 6.01
N LEU A 630 -24.50 -1.82 7.21
CA LEU A 630 -23.51 -2.45 8.08
C LEU A 630 -24.23 -2.98 9.29
N LEU A 631 -24.02 -4.25 9.60
CA LEU A 631 -24.59 -4.87 10.80
C LEU A 631 -23.42 -5.31 11.67
N GLU A 632 -23.33 -4.76 12.87
CA GLU A 632 -22.34 -5.23 13.83
C GLU A 632 -23.01 -6.18 14.81
N VAL A 633 -22.48 -7.39 14.94
CA VAL A 633 -22.93 -8.28 16.02
C VAL A 633 -21.84 -8.46 17.05
N GLU A 634 -22.16 -8.14 18.29
CA GLU A 634 -21.20 -8.32 19.38
C GLU A 634 -21.17 -9.82 19.70
N VAL A 635 -20.00 -10.45 19.57
CA VAL A 635 -19.93 -11.89 19.80
C VAL A 635 -18.93 -12.22 20.92
N ASP A 636 -18.98 -13.46 21.42
CA ASP A 636 -18.03 -13.97 22.41
C ASP A 636 -16.58 -14.00 21.90
N LYS A 637 -15.60 -14.02 22.80
CA LYS A 637 -14.19 -14.02 22.39
C LYS A 637 -13.64 -15.42 22.18
N PRO B 73 36.93 -7.41 25.20
CA PRO B 73 37.00 -8.85 24.91
C PRO B 73 36.52 -9.22 23.50
N ASP B 74 37.01 -10.35 23.01
CA ASP B 74 36.70 -10.85 21.68
C ASP B 74 35.23 -11.23 21.51
N MET B 75 34.73 -12.07 22.42
CA MET B 75 33.40 -12.65 22.34
C MET B 75 32.45 -12.00 23.32
N ASP B 76 31.16 -11.99 22.96
CA ASP B 76 30.11 -11.42 23.78
C ASP B 76 29.15 -12.55 24.17
N THR B 77 28.97 -12.75 25.49
CA THR B 77 28.14 -13.82 26.05
C THR B 77 26.82 -13.29 26.58
N SER B 78 26.66 -11.98 26.58
CA SER B 78 25.54 -11.36 27.23
C SER B 78 24.18 -11.77 26.63
N PHE B 79 24.18 -12.26 25.39
CA PHE B 79 22.91 -12.63 24.79
C PHE B 79 22.65 -14.14 24.85
N VAL B 80 23.61 -14.89 25.35
CA VAL B 80 23.49 -16.35 25.34
C VAL B 80 22.33 -16.77 26.22
N GLY B 81 21.43 -17.59 25.69
CA GLY B 81 20.31 -18.05 26.48
C GLY B 81 19.08 -17.21 26.21
N LEU B 82 19.23 -16.12 25.47
CA LEU B 82 18.05 -15.30 25.08
C LEU B 82 17.44 -15.74 23.75
N THR B 83 16.13 -15.54 23.60
CA THR B 83 15.49 -15.71 22.29
C THR B 83 15.86 -14.55 21.37
N GLY B 84 15.66 -14.77 20.07
CA GLY B 84 15.87 -13.69 19.12
C GLY B 84 14.99 -12.50 19.48
N GLY B 85 13.78 -12.75 19.93
CA GLY B 85 12.88 -11.66 20.31
C GLY B 85 13.45 -10.86 21.47
N GLN B 86 14.01 -11.55 22.46
CA GLN B 86 14.62 -10.86 23.61
C GLN B 86 15.89 -10.12 23.20
N ILE B 87 16.64 -10.70 22.26
CA ILE B 87 17.82 -10.02 21.72
C ILE B 87 17.40 -8.75 20.98
N PHE B 88 16.30 -8.84 20.23
CA PHE B 88 15.80 -7.67 19.51
C PHE B 88 15.53 -6.52 20.48
N ASN B 89 14.84 -6.86 21.56
CA ASN B 89 14.49 -5.94 22.62
C ASN B 89 15.75 -5.25 23.17
N GLU B 90 16.75 -6.05 23.56
CA GLU B 90 18.03 -5.50 24.05
C GLU B 90 18.69 -4.60 23.00
N MET B 91 18.67 -5.04 21.74
CA MET B 91 19.29 -4.25 20.69
C MET B 91 18.57 -2.92 20.45
N MET B 92 17.23 -2.89 20.58
CA MET B 92 16.54 -1.60 20.49
C MET B 92 17.08 -0.64 21.56
N SER B 93 17.26 -1.11 22.79
CA SER B 93 17.82 -0.26 23.84
C SER B 93 19.22 0.25 23.50
N ARG B 94 20.06 -0.64 23.00
CA ARG B 94 21.42 -0.26 22.59
C ARG B 94 21.44 0.79 21.48
N GLN B 95 20.38 0.81 20.66
CA GLN B 95 20.22 1.82 19.62
C GLN B 95 19.47 3.06 20.13
N ASN B 96 19.22 3.14 21.44
CA ASN B 96 18.45 4.25 22.02
C ASN B 96 17.07 4.43 21.41
N VAL B 97 16.44 3.33 21.02
CA VAL B 97 15.07 3.38 20.52
C VAL B 97 14.12 3.46 21.72
N ASP B 98 13.16 4.37 21.73
CA ASP B 98 12.16 4.27 22.81
C ASP B 98 10.72 4.20 22.26
N THR B 99 10.58 4.17 20.94
CA THR B 99 9.29 4.17 20.26
C THR B 99 9.33 3.23 19.06
N VAL B 100 8.33 2.37 18.94
CA VAL B 100 8.25 1.47 17.77
C VAL B 100 6.81 1.54 17.26
N PHE B 101 6.63 1.63 15.95
CA PHE B 101 5.34 1.68 15.30
C PHE B 101 5.14 0.33 14.64
N GLY B 102 4.05 -0.36 14.93
CA GLY B 102 3.92 -1.64 14.27
C GLY B 102 2.60 -2.32 14.49
N TYR B 103 2.49 -3.55 13.97
CA TYR B 103 1.20 -4.22 13.94
C TYR B 103 1.47 -5.73 14.01
N PRO B 104 0.69 -6.47 14.82
CA PRO B 104 1.06 -7.88 15.06
C PRO B 104 0.75 -8.84 13.88
N GLY B 105 1.36 -10.02 13.91
CA GLY B 105 0.99 -11.10 13.01
C GLY B 105 1.81 -12.34 13.40
N GLY B 106 1.41 -13.51 12.91
CA GLY B 106 2.06 -14.76 13.32
C GLY B 106 3.57 -14.74 13.13
N ALA B 107 4.02 -14.24 12.00
CA ALA B 107 5.46 -14.37 11.68
C ALA B 107 6.35 -13.51 12.59
N ILE B 108 5.80 -12.39 13.06
CA ILE B 108 6.62 -11.45 13.83
C ILE B 108 6.33 -11.63 15.34
N LEU B 109 5.46 -12.57 15.68
CA LEU B 109 5.07 -12.79 17.06
C LEU B 109 6.24 -12.86 18.09
N PRO B 110 7.34 -13.61 17.78
CA PRO B 110 8.39 -13.70 18.81
C PRO B 110 8.97 -12.33 19.15
N VAL B 111 8.99 -11.43 18.17
CA VAL B 111 9.56 -10.11 18.40
C VAL B 111 8.48 -9.18 18.99
N TYR B 112 7.30 -9.25 18.39
CA TYR B 112 6.19 -8.42 18.85
C TYR B 112 5.93 -8.65 20.35
N ASP B 113 5.86 -9.90 20.77
CA ASP B 113 5.64 -10.20 22.18
C ASP B 113 6.75 -9.69 23.10
N ALA B 114 7.99 -9.67 22.61
CA ALA B 114 9.12 -9.23 23.42
C ALA B 114 9.12 -7.71 23.55
N ILE B 115 8.55 -7.02 22.58
CA ILE B 115 8.56 -5.56 22.53
C ILE B 115 7.27 -4.91 23.08
N HIS B 116 6.13 -5.38 22.58
CA HIS B 116 4.83 -4.77 22.82
C HIS B 116 4.52 -4.63 24.30
N ASN B 117 4.82 -5.65 25.09
CA ASN B 117 4.63 -5.51 26.53
C ASN B 117 5.97 -5.37 27.25
N SER B 118 6.59 -4.21 27.05
CA SER B 118 7.83 -3.87 27.73
C SER B 118 7.82 -2.41 28.16
N ASP B 119 8.27 -2.20 29.38
CA ASP B 119 8.38 -0.90 30.01
C ASP B 119 9.33 0.04 29.26
N LYS B 120 10.24 -0.55 28.49
CA LYS B 120 11.25 0.22 27.78
C LYS B 120 10.78 0.92 26.48
N PHE B 121 9.67 0.50 25.89
CA PHE B 121 9.27 1.06 24.59
C PHE B 121 7.84 1.45 24.55
N ASN B 122 7.57 2.58 23.88
CA ASN B 122 6.23 2.99 23.58
C ASN B 122 5.88 2.33 22.23
N PHE B 123 5.02 1.32 22.26
CA PHE B 123 4.64 0.62 21.03
C PHE B 123 3.34 1.25 20.52
N VAL B 124 3.37 1.87 19.34
CA VAL B 124 2.23 2.63 18.82
C VAL B 124 1.57 1.81 17.72
N LEU B 125 0.30 1.51 17.88
CA LEU B 125 -0.45 0.67 16.96
C LEU B 125 -1.31 1.49 16.02
N PRO B 126 -1.17 1.27 14.72
CA PRO B 126 -2.10 1.84 13.74
C PRO B 126 -3.24 0.87 13.49
N LYS B 127 -4.12 1.22 12.56
CA LYS B 127 -5.13 0.27 12.10
C LYS B 127 -4.70 -0.45 10.82
N HIS B 128 -3.67 0.07 10.16
CA HIS B 128 -3.16 -0.49 8.90
C HIS B 128 -1.65 -0.29 8.92
N GLU B 129 -0.85 -1.25 8.43
CA GLU B 129 0.59 -1.11 8.50
C GLU B 129 1.11 0.12 7.74
N GLN B 130 0.39 0.56 6.71
CA GLN B 130 0.89 1.78 6.01
C GLN B 130 0.90 2.93 7.03
N GLY B 131 -0.05 2.91 7.95
CA GLY B 131 -0.12 3.98 8.94
C GLY B 131 1.10 3.89 9.87
N ALA B 132 1.52 2.67 10.23
CA ALA B 132 2.77 2.57 11.05
C ALA B 132 3.92 3.20 10.30
N GLY B 133 3.99 2.93 9.00
CA GLY B 133 5.10 3.42 8.20
C GLY B 133 5.13 4.94 8.16
N HIS B 134 4.00 5.60 7.88
CA HIS B 134 4.01 7.07 7.81
C HIS B 134 4.11 7.68 9.19
N MET B 135 3.56 7.00 10.21
CA MET B 135 3.80 7.46 11.58
C MET B 135 5.30 7.48 11.89
N ALA B 136 5.99 6.42 11.52
CA ALA B 136 7.41 6.37 11.77
C ALA B 136 8.14 7.49 11.02
N GLU B 137 7.68 7.78 9.80
CA GLU B 137 8.25 8.94 9.08
C GLU B 137 8.05 10.25 9.80
N GLY B 138 6.83 10.53 10.26
CA GLY B 138 6.62 11.81 10.92
C GLY B 138 7.44 11.85 12.21
N TYR B 139 7.55 10.70 12.90
CA TYR B 139 8.31 10.64 14.17
C TYR B 139 9.77 10.98 13.87
N ALA B 140 10.31 10.38 12.79
CA ALA B 140 11.73 10.61 12.47
C ALA B 140 11.97 12.09 12.08
N ARG B 141 11.04 12.66 11.34
CA ARG B 141 11.28 14.02 10.86
C ARG B 141 11.11 14.99 11.98
N ALA B 142 10.27 14.67 12.94
CA ALA B 142 10.09 15.60 14.07
C ALA B 142 11.21 15.42 15.10
N SER B 143 11.75 14.22 15.20
CA SER B 143 12.73 13.97 16.27
C SER B 143 14.19 13.95 15.82
N GLY B 144 14.47 13.69 14.54
CA GLY B 144 15.85 13.53 14.16
C GLY B 144 16.38 12.12 14.50
N LYS B 145 15.50 11.25 15.01
CA LYS B 145 15.83 9.84 15.28
C LYS B 145 15.27 8.93 14.19
N PRO B 146 15.83 7.71 14.04
CA PRO B 146 15.22 6.80 13.07
C PRO B 146 13.82 6.40 13.49
N GLY B 147 12.91 6.26 12.52
CA GLY B 147 11.59 5.73 12.83
C GLY B 147 11.63 4.21 12.68
N VAL B 148 11.17 3.49 13.69
CA VAL B 148 11.31 2.03 13.71
C VAL B 148 9.92 1.39 13.51
N VAL B 149 9.85 0.46 12.55
CA VAL B 149 8.61 -0.17 12.14
C VAL B 149 8.72 -1.69 12.32
N LEU B 150 7.66 -2.28 12.86
CA LEU B 150 7.62 -3.73 13.07
C LEU B 150 6.30 -4.31 12.52
N VAL B 151 6.37 -5.14 11.49
CA VAL B 151 5.14 -5.67 10.89
C VAL B 151 5.35 -7.12 10.55
N THR B 152 4.26 -7.80 10.21
CA THR B 152 4.37 -9.22 9.98
C THR B 152 4.76 -9.55 8.50
N SER B 153 4.78 -10.85 8.17
CA SER B 153 5.10 -11.33 6.83
C SER B 153 3.99 -11.01 5.85
N GLY B 154 4.25 -11.28 4.57
CA GLY B 154 3.20 -11.18 3.55
C GLY B 154 2.58 -9.82 3.46
N PRO B 155 1.25 -9.71 3.71
CA PRO B 155 0.60 -8.38 3.48
C PRO B 155 1.08 -7.36 4.52
N GLY B 156 1.61 -7.82 5.66
CA GLY B 156 2.12 -6.86 6.64
C GLY B 156 3.28 -6.08 5.99
N ALA B 157 4.16 -6.84 5.36
CA ALA B 157 5.28 -6.26 4.65
C ALA B 157 4.88 -5.49 3.39
N THR B 158 4.04 -6.06 2.53
CA THR B 158 3.75 -5.36 1.29
C THR B 158 2.99 -4.04 1.62
N ASN B 159 2.32 -4.00 2.77
CA ASN B 159 1.60 -2.78 3.20
C ASN B 159 2.54 -1.64 3.62
N VAL B 160 3.85 -1.90 3.83
CA VAL B 160 4.71 -0.76 4.17
C VAL B 160 5.60 -0.35 2.99
N VAL B 161 5.34 -0.86 1.79
CA VAL B 161 6.12 -0.49 0.64
C VAL B 161 5.94 1.02 0.33
N THR B 162 4.71 1.52 0.38
CA THR B 162 4.54 2.95 0.06
C THR B 162 5.32 3.85 1.06
N PRO B 163 5.22 3.61 2.37
CA PRO B 163 6.06 4.43 3.27
C PRO B 163 7.57 4.26 3.05
N MET B 164 8.04 3.06 2.72
CA MET B 164 9.46 2.93 2.37
C MET B 164 9.82 3.77 1.17
N ALA B 165 9.00 3.68 0.12
CA ALA B 165 9.30 4.42 -1.09
C ALA B 165 9.28 5.93 -0.76
N ASP B 166 8.34 6.30 0.11
CA ASP B 166 8.21 7.72 0.49
C ASP B 166 9.45 8.16 1.25
N ALA B 167 9.84 7.36 2.25
CA ALA B 167 11.08 7.64 3.00
C ALA B 167 12.33 7.65 2.12
N PHE B 168 12.39 6.74 1.15
CA PHE B 168 13.52 6.70 0.24
C PHE B 168 13.59 7.98 -0.58
N ALA B 169 12.45 8.44 -1.07
CA ALA B 169 12.49 9.64 -1.94
C ALA B 169 12.88 10.89 -1.12
N ASP B 170 12.47 10.95 0.16
CA ASP B 170 12.66 12.19 0.97
C ASP B 170 13.85 12.06 1.93
N GLY B 171 14.53 10.92 1.90
CA GLY B 171 15.79 10.80 2.63
C GLY B 171 15.53 10.75 4.14
N ILE B 172 14.61 9.88 4.53
CA ILE B 172 14.11 9.82 5.89
C ILE B 172 14.60 8.52 6.56
N PRO B 173 15.26 8.61 7.73
CA PRO B 173 15.81 7.38 8.31
C PRO B 173 14.69 6.52 8.88
N MET B 174 14.58 5.30 8.41
CA MET B 174 13.51 4.44 8.83
C MET B 174 14.08 3.02 8.88
N VAL B 175 13.82 2.29 9.98
CA VAL B 175 14.33 0.90 10.03
C VAL B 175 13.09 0.02 10.09
N VAL B 176 12.87 -0.73 9.02
CA VAL B 176 11.71 -1.58 8.91
C VAL B 176 12.08 -3.06 9.18
N PHE B 177 11.43 -3.63 10.19
CA PHE B 177 11.55 -5.05 10.48
C PHE B 177 10.29 -5.79 10.05
N THR B 178 10.46 -6.77 9.19
CA THR B 178 9.32 -7.56 8.72
C THR B 178 9.49 -9.02 9.16
N GLY B 179 8.46 -9.54 9.83
CA GLY B 179 8.39 -10.98 10.11
C GLY B 179 8.44 -11.75 8.80
N GLN B 180 9.02 -12.96 8.79
CA GLN B 180 9.06 -13.75 7.57
C GLN B 180 8.72 -15.20 7.92
N VAL B 181 8.33 -16.00 6.92
CA VAL B 181 8.15 -17.45 7.16
C VAL B 181 9.51 -18.06 7.57
N PRO B 182 9.51 -19.26 8.18
CA PRO B 182 10.79 -19.82 8.64
C PRO B 182 11.80 -20.01 7.51
N THR B 183 13.11 -20.01 7.82
CA THR B 183 14.14 -20.11 6.79
C THR B 183 13.94 -21.38 5.96
N SER B 184 13.42 -22.42 6.59
CA SER B 184 13.27 -23.71 5.92
C SER B 184 12.10 -23.70 4.95
N ALA B 185 11.25 -22.67 5.03
CA ALA B 185 10.06 -22.59 4.18
C ALA B 185 10.25 -21.60 3.00
N ILE B 186 11.27 -20.77 3.08
CA ILE B 186 11.60 -19.86 1.97
C ILE B 186 11.67 -20.57 0.61
N GLY B 187 10.90 -20.10 -0.36
CA GLY B 187 10.89 -20.71 -1.68
C GLY B 187 10.02 -21.96 -1.79
N THR B 188 8.94 -22.00 -1.01
CA THR B 188 7.98 -23.09 -1.12
C THR B 188 6.57 -22.55 -1.37
N ASP B 189 6.48 -21.25 -1.65
CA ASP B 189 5.20 -20.53 -1.69
C ASP B 189 4.39 -20.84 -0.44
N ALA B 190 5.01 -20.62 0.71
CA ALA B 190 4.33 -20.85 1.98
C ALA B 190 3.35 -19.73 2.18
N PHE B 191 2.38 -19.99 3.04
CA PHE B 191 1.44 -18.96 3.44
C PHE B 191 2.19 -17.68 3.87
N GLN B 192 1.92 -16.58 3.15
CA GLN B 192 2.51 -15.24 3.41
C GLN B 192 4.02 -15.16 3.23
N GLU B 193 4.54 -16.03 2.39
CA GLU B 193 5.91 -15.90 1.97
C GLU B 193 5.92 -14.87 0.85
N ALA B 194 6.39 -13.65 1.12
CA ALA B 194 6.68 -12.70 0.05
C ALA B 194 8.20 -12.49 -0.08
N ASP B 195 8.66 -12.14 -1.28
CA ASP B 195 10.07 -11.85 -1.52
C ASP B 195 10.28 -10.38 -1.19
N VAL B 196 10.29 -10.09 0.10
CA VAL B 196 10.25 -8.74 0.61
C VAL B 196 11.58 -8.02 0.36
N VAL B 197 12.66 -8.79 0.44
CA VAL B 197 13.96 -8.22 0.11
C VAL B 197 14.03 -7.83 -1.37
N GLY B 198 13.38 -8.61 -2.23
CA GLY B 198 13.36 -8.30 -3.65
C GLY B 198 12.41 -7.12 -3.89
N ILE B 199 11.23 -7.17 -3.29
CA ILE B 199 10.23 -6.11 -3.50
C ILE B 199 10.80 -4.76 -3.07
N SER B 200 11.44 -4.74 -1.92
CA SER B 200 11.91 -3.46 -1.31
C SER B 200 13.30 -3.06 -1.77
N ARG B 201 13.90 -3.81 -2.71
CA ARG B 201 15.28 -3.51 -3.07
C ARG B 201 15.42 -2.07 -3.63
N SER B 202 14.51 -1.66 -4.51
CA SER B 202 14.72 -0.34 -5.15
C SER B 202 14.22 0.82 -4.26
N CYS B 203 13.58 0.52 -3.13
CA CYS B 203 13.09 1.61 -2.29
C CYS B 203 13.67 1.53 -0.87
N THR B 204 14.84 0.91 -0.75
CA THR B 204 15.59 0.95 0.52
C THR B 204 17.05 1.28 0.20
N LYS B 205 17.76 1.86 1.16
CA LYS B 205 19.22 2.05 0.97
C LYS B 205 19.92 0.70 0.97
N TRP B 206 19.36 -0.25 1.72
CA TRP B 206 20.00 -1.57 1.96
C TRP B 206 18.96 -2.47 2.56
N ASN B 207 19.02 -3.79 2.29
CA ASN B 207 18.18 -4.67 3.08
C ASN B 207 18.85 -6.03 3.24
N VAL B 208 18.25 -6.89 4.05
CA VAL B 208 18.89 -8.18 4.35
C VAL B 208 17.82 -9.12 4.94
N MET B 209 17.98 -10.44 4.74
CA MET B 209 17.21 -11.41 5.50
C MET B 209 18.13 -12.03 6.53
N VAL B 210 17.75 -11.95 7.80
CA VAL B 210 18.57 -12.54 8.85
C VAL B 210 18.44 -14.05 8.80
N LYS B 211 19.55 -14.76 8.78
CA LYS B 211 19.49 -16.19 8.57
C LYS B 211 19.70 -17.04 9.81
N SER B 212 20.19 -16.44 10.89
CA SER B 212 20.37 -17.22 12.14
C SER B 212 20.32 -16.21 13.30
N VAL B 213 20.01 -16.67 14.50
CA VAL B 213 19.88 -15.73 15.60
C VAL B 213 21.25 -15.11 15.91
N GLU B 214 22.34 -15.82 15.59
CA GLU B 214 23.68 -15.31 15.86
C GLU B 214 23.96 -13.97 15.15
N GLU B 215 23.28 -13.81 14.02
CA GLU B 215 23.47 -12.74 13.06
C GLU B 215 22.53 -11.57 13.34
N LEU B 216 21.60 -11.75 14.27
CA LEU B 216 20.57 -10.75 14.48
C LEU B 216 21.14 -9.41 15.02
N PRO B 217 21.97 -9.43 16.06
CA PRO B 217 22.53 -8.12 16.47
C PRO B 217 23.32 -7.43 15.34
N LEU B 218 24.16 -8.17 14.64
CA LEU B 218 24.90 -7.65 13.47
C LEU B 218 23.99 -6.89 12.51
N ARG B 219 22.94 -7.54 12.05
CA ARG B 219 22.10 -6.92 11.05
C ARG B 219 21.34 -5.69 11.60
N ILE B 220 20.98 -5.75 12.86
CA ILE B 220 20.29 -4.61 13.48
C ILE B 220 21.25 -3.43 13.52
N ASN B 221 22.50 -3.67 13.92
CA ASN B 221 23.47 -2.58 14.01
C ASN B 221 23.74 -1.99 12.62
N GLU B 222 23.88 -2.86 11.61
CA GLU B 222 24.14 -2.41 10.24
C GLU B 222 22.92 -1.57 9.75
N ALA B 223 21.72 -2.02 10.06
CA ALA B 223 20.50 -1.34 9.60
C ALA B 223 20.45 0.10 10.15
N PHE B 224 20.69 0.25 11.46
CA PHE B 224 20.62 1.59 12.05
C PHE B 224 21.74 2.51 11.54
N GLU B 225 22.92 1.92 11.31
CA GLU B 225 24.00 2.76 10.83
C GLU B 225 23.75 3.22 9.40
N ILE B 226 23.33 2.31 8.52
CA ILE B 226 23.10 2.71 7.13
C ILE B 226 21.93 3.71 7.00
N ALA B 227 20.87 3.47 7.77
CA ALA B 227 19.70 4.35 7.73
C ALA B 227 20.04 5.78 8.11
N THR B 228 21.06 5.96 8.96
CA THR B 228 21.31 7.28 9.55
C THR B 228 22.58 7.92 9.03
N SER B 229 23.23 7.30 8.06
CA SER B 229 24.44 7.95 7.58
C SER B 229 24.28 8.36 6.11
N GLY B 230 25.27 9.07 5.60
CA GLY B 230 25.24 9.61 4.26
C GLY B 230 23.95 10.40 4.12
N ARG B 231 23.19 10.16 3.06
CA ARG B 231 21.84 10.73 3.03
C ARG B 231 21.00 9.71 3.74
N PRO B 232 20.28 10.13 4.78
CA PRO B 232 19.50 9.14 5.55
C PRO B 232 18.44 8.50 4.66
N GLY B 233 17.96 7.32 5.04
CA GLY B 233 16.93 6.69 4.25
C GLY B 233 16.46 5.40 4.90
N PRO B 234 15.52 4.70 4.25
CA PRO B 234 14.94 3.50 4.84
C PRO B 234 15.80 2.26 4.53
N VAL B 235 15.75 1.33 5.48
CA VAL B 235 16.40 0.04 5.34
C VAL B 235 15.39 -0.99 5.80
N LEU B 236 15.54 -2.21 5.33
CA LEU B 236 14.61 -3.28 5.73
C LEU B 236 15.40 -4.51 6.22
N VAL B 237 14.94 -5.11 7.30
CA VAL B 237 15.57 -6.31 7.85
C VAL B 237 14.48 -7.38 7.99
N ASP B 238 14.61 -8.45 7.22
CA ASP B 238 13.60 -9.51 7.13
C ASP B 238 13.92 -10.55 8.23
N LEU B 239 12.93 -10.91 9.07
CA LEU B 239 13.11 -11.72 10.28
C LEU B 239 12.32 -13.04 10.24
N PRO B 240 12.94 -14.10 9.70
CA PRO B 240 12.28 -15.42 9.72
C PRO B 240 11.88 -15.79 11.13
N LYS B 241 10.69 -16.37 11.27
N LYS B 241 10.68 -16.36 11.24
CA LYS B 241 10.12 -16.64 12.61
CA LYS B 241 10.04 -16.73 12.49
C LYS B 241 10.96 -17.67 13.38
C LYS B 241 10.92 -17.68 13.32
N ASP B 242 11.59 -18.62 12.66
CA ASP B 242 12.45 -19.60 13.35
C ASP B 242 13.69 -18.90 13.94
N VAL B 243 14.15 -17.86 13.28
CA VAL B 243 15.29 -17.09 13.78
C VAL B 243 14.97 -16.26 15.02
N THR B 244 13.83 -15.57 15.04
CA THR B 244 13.50 -14.78 16.21
C THR B 244 12.97 -15.61 17.40
N ALA B 245 12.43 -16.80 17.13
CA ALA B 245 12.03 -17.74 18.21
C ALA B 245 13.22 -18.52 18.75
N ALA B 246 14.32 -18.60 17.99
CA ALA B 246 15.48 -19.42 18.45
C ALA B 246 16.17 -18.78 19.63
N ILE B 247 16.80 -19.61 20.46
CA ILE B 247 17.66 -19.14 21.54
C ILE B 247 19.15 -19.17 21.17
N LEU B 248 19.85 -18.07 21.43
CA LEU B 248 21.27 -18.00 21.13
C LEU B 248 22.03 -18.90 22.11
N ARG B 249 22.76 -19.87 21.56
CA ARG B 249 23.42 -20.87 22.39
C ARG B 249 24.89 -20.57 22.59
N ASN B 250 25.50 -19.88 21.63
CA ASN B 250 26.93 -19.62 21.69
C ASN B 250 27.31 -18.15 21.63
N PRO B 251 28.49 -17.81 22.17
CA PRO B 251 29.00 -16.43 22.09
C PRO B 251 29.15 -15.97 20.64
N ILE B 252 29.00 -14.67 20.44
CA ILE B 252 29.19 -14.06 19.13
C ILE B 252 30.20 -12.94 19.29
N PRO B 253 30.87 -12.54 18.20
CA PRO B 253 31.90 -11.51 18.31
C PRO B 253 31.36 -10.19 18.81
N THR B 254 32.04 -9.60 19.77
CA THR B 254 31.68 -8.27 20.28
C THR B 254 31.56 -7.21 19.19
N LYS B 255 32.43 -7.25 18.19
CA LYS B 255 32.31 -6.37 17.02
C LYS B 255 30.92 -6.35 16.46
N THR B 256 30.24 -7.50 16.47
CA THR B 256 28.93 -7.58 15.81
C THR B 256 27.79 -7.12 16.71
N THR B 257 28.05 -6.95 18.01
CA THR B 257 26.94 -6.57 18.92
C THR B 257 26.97 -5.11 19.37
N LEU B 258 28.10 -4.43 19.20
CA LEU B 258 28.18 -3.01 19.52
C LEU B 258 27.76 -2.11 18.37
N PRO B 259 26.87 -1.15 18.63
CA PRO B 259 26.51 -0.16 17.60
C PRO B 259 27.72 0.61 17.09
N SER B 260 27.66 1.03 15.83
CA SER B 260 28.64 1.95 15.25
C SER B 260 28.60 3.30 15.93
N ASN B 261 29.73 4.01 15.94
CA ASN B 261 29.79 5.29 16.59
C ASN B 261 29.57 6.44 15.59
N ALA B 262 30.44 6.52 14.58
CA ALA B 262 30.47 7.64 13.63
C ALA B 262 30.71 8.99 14.34
N LEU B 263 30.97 8.90 15.64
CA LEU B 263 31.15 10.02 16.55
C LEU B 263 32.49 9.76 17.25
N ASN B 264 33.33 10.78 17.33
CA ASN B 264 34.73 10.59 17.69
C ASN B 264 35.33 9.53 16.74
N GLN B 265 35.13 9.74 15.44
CA GLN B 265 35.74 8.93 14.40
C GLN B 265 36.99 9.61 13.89
N LEU B 266 38.11 8.90 13.91
CA LEU B 266 39.38 9.45 13.42
C LEU B 266 39.43 9.55 11.88
N THR B 267 40.13 10.56 11.37
CA THR B 267 40.34 10.69 9.92
C THR B 267 41.83 10.91 9.65
N SER B 268 42.24 10.71 8.39
CA SER B 268 43.66 10.85 8.00
C SER B 268 43.98 12.23 7.44
N ARG B 269 45.27 12.58 7.46
CA ARG B 269 45.76 13.80 6.83
C ARG B 269 45.17 13.95 5.44
N ALA B 270 45.22 12.87 4.67
CA ALA B 270 44.75 12.84 3.30
C ALA B 270 43.29 13.24 3.22
N GLN B 271 42.48 12.67 4.09
CA GLN B 271 41.06 12.97 4.12
C GLN B 271 40.82 14.44 4.49
N ASP B 272 41.40 14.84 5.62
CA ASP B 272 41.33 16.22 6.12
C ASP B 272 41.68 17.25 5.03
N GLU B 273 42.90 17.13 4.50
CA GLU B 273 43.37 18.04 3.47
C GLU B 273 42.42 18.11 2.27
N PHE B 274 41.91 16.96 1.84
CA PHE B 274 41.00 16.91 0.70
C PHE B 274 39.78 17.83 0.83
N VAL B 275 39.11 17.75 1.99
CA VAL B 275 37.89 18.54 2.20
C VAL B 275 38.26 20.01 2.37
N MET B 276 39.34 20.25 3.12
CA MET B 276 39.74 21.61 3.44
C MET B 276 40.13 22.41 2.19
N GLN B 277 40.58 21.72 1.15
CA GLN B 277 40.93 22.41 -0.10
C GLN B 277 39.66 22.97 -0.73
N SER B 278 38.63 22.12 -0.86
CA SER B 278 37.36 22.56 -1.43
C SER B 278 36.70 23.61 -0.54
N ILE B 279 36.92 23.49 0.77
CA ILE B 279 36.41 24.47 1.73
C ILE B 279 37.06 25.86 1.54
N ASN B 280 38.38 25.87 1.35
CA ASN B 280 39.10 27.13 1.11
C ASN B 280 38.67 27.81 -0.18
N LYS B 281 38.56 27.03 -1.26
CA LYS B 281 38.21 27.58 -2.55
C LYS B 281 36.82 28.20 -2.52
N ALA B 282 35.92 27.61 -1.72
CA ALA B 282 34.56 28.16 -1.59
C ALA B 282 34.51 29.34 -0.62
N ALA B 283 35.26 29.26 0.48
CA ALA B 283 35.37 30.37 1.43
C ALA B 283 35.87 31.65 0.76
N ASP B 284 36.80 31.50 -0.18
CA ASP B 284 37.32 32.66 -0.89
C ASP B 284 36.30 33.17 -1.90
N LEU B 285 35.51 32.26 -2.46
CA LEU B 285 34.58 32.66 -3.53
C LEU B 285 33.38 33.41 -2.97
N ILE B 286 32.80 32.90 -1.88
CA ILE B 286 31.72 33.63 -1.25
C ILE B 286 32.29 35.02 -0.86
N ASN B 287 33.50 35.04 -0.31
CA ASN B 287 34.13 36.28 0.12
C ASN B 287 34.35 37.23 -1.05
N LEU B 288 34.52 36.63 -2.23
CA LEU B 288 34.61 37.37 -3.47
C LEU B 288 33.27 38.05 -3.79
N ALA B 289 32.32 37.26 -4.27
CA ALA B 289 31.07 37.77 -4.82
C ALA B 289 30.20 38.48 -3.78
N LYS B 290 29.44 39.48 -4.23
CA LYS B 290 28.48 40.17 -3.36
C LYS B 290 27.11 40.37 -4.03
N LYS B 291 26.72 39.39 -4.86
CA LYS B 291 25.32 39.12 -5.24
C LYS B 291 24.92 37.66 -4.96
N PRO B 292 25.25 37.15 -3.76
CA PRO B 292 25.06 35.71 -3.59
C PRO B 292 23.68 35.40 -3.01
N VAL B 293 23.26 34.14 -3.13
CA VAL B 293 22.12 33.67 -2.37
C VAL B 293 22.45 32.29 -1.80
N LEU B 294 22.03 32.07 -0.56
CA LEU B 294 22.04 30.73 0.01
C LEU B 294 20.78 30.03 -0.45
N TYR B 295 20.98 28.89 -1.10
CA TYR B 295 19.91 28.03 -1.56
C TYR B 295 19.95 26.76 -0.69
N VAL B 296 18.96 26.65 0.22
CA VAL B 296 19.02 25.67 1.29
C VAL B 296 17.93 24.62 1.20
N GLY B 297 18.27 23.36 1.43
CA GLY B 297 17.29 22.29 1.34
C GLY B 297 17.30 21.42 2.56
N ALA B 298 16.64 20.27 2.48
CA ALA B 298 16.49 19.37 3.59
C ALA B 298 17.82 18.99 4.29
N GLY B 299 18.95 19.04 3.60
CA GLY B 299 20.17 18.49 4.16
C GLY B 299 20.72 19.31 5.34
N ILE B 300 20.44 20.61 5.35
CA ILE B 300 20.80 21.47 6.49
C ILE B 300 20.07 21.05 7.79
N LEU B 301 18.95 20.35 7.65
CA LEU B 301 18.16 19.92 8.79
C LEU B 301 18.64 18.58 9.32
N ASN B 302 19.63 17.97 8.67
CA ASN B 302 20.03 16.61 9.06
C ASN B 302 21.17 16.64 10.11
N HIS B 303 21.49 17.83 10.59
CA HIS B 303 22.41 17.98 11.71
C HIS B 303 21.74 18.93 12.68
N ALA B 304 21.64 18.56 13.96
CA ALA B 304 21.14 19.45 15.02
C ALA B 304 21.60 20.90 14.89
N ASP B 305 22.82 21.11 14.42
CA ASP B 305 23.38 22.46 14.38
C ASP B 305 23.34 23.16 13.03
N GLY B 306 22.70 22.55 12.03
CA GLY B 306 22.58 23.19 10.73
C GLY B 306 21.96 24.58 10.68
N PRO B 307 20.76 24.72 11.24
CA PRO B 307 20.11 26.03 11.16
C PRO B 307 20.90 27.12 11.85
N ARG B 308 21.55 26.78 12.97
CA ARG B 308 22.31 27.80 13.71
C ARG B 308 23.47 28.29 12.87
N LEU B 309 24.25 27.36 12.33
CA LEU B 309 25.36 27.73 11.49
C LEU B 309 24.89 28.43 10.21
N LEU B 310 23.74 28.03 9.67
CA LEU B 310 23.17 28.71 8.50
C LEU B 310 22.87 30.19 8.79
N LYS B 311 22.25 30.46 9.93
CA LYS B 311 21.97 31.85 10.27
C LYS B 311 23.28 32.59 10.55
N GLU B 312 24.21 31.90 11.21
CA GLU B 312 25.51 32.49 11.51
C GLU B 312 26.21 32.97 10.24
N LEU B 313 26.16 32.16 9.19
CA LEU B 313 26.79 32.53 7.93
C LEU B 313 26.02 33.66 7.25
N SER B 314 24.69 33.49 7.23
CA SER B 314 23.80 34.52 6.71
C SER B 314 24.10 35.88 7.33
N ASP B 315 24.20 35.92 8.65
CA ASP B 315 24.48 37.16 9.35
C ASP B 315 25.86 37.68 9.05
N ARG B 316 26.88 36.89 9.37
CA ARG B 316 28.25 37.30 9.18
C ARG B 316 28.50 37.92 7.80
N ALA B 317 28.05 37.25 6.75
CA ALA B 317 28.32 37.74 5.41
C ALA B 317 27.10 38.38 4.77
N GLN B 318 26.07 38.68 5.57
CA GLN B 318 24.85 39.32 5.08
C GLN B 318 24.31 38.65 3.81
N ILE B 319 23.97 37.35 3.91
CA ILE B 319 23.57 36.58 2.74
C ILE B 319 22.09 36.21 2.78
N PRO B 320 21.35 36.55 1.71
CA PRO B 320 19.93 36.23 1.65
C PRO B 320 19.69 34.70 1.53
N VAL B 321 18.62 34.23 2.15
CA VAL B 321 18.38 32.78 2.21
C VAL B 321 17.05 32.40 1.60
N THR B 322 17.09 31.48 0.63
CA THR B 322 15.89 30.87 0.09
C THR B 322 15.93 29.36 0.33
N THR B 323 14.78 28.76 0.59
CA THR B 323 14.74 27.31 0.83
C THR B 323 13.86 26.59 -0.18
N THR B 324 14.15 25.29 -0.34
CA THR B 324 13.25 24.36 -0.97
C THR B 324 12.02 24.14 -0.10
N LEU B 325 11.05 23.45 -0.67
CA LEU B 325 9.92 22.98 0.11
C LEU B 325 10.42 22.19 1.34
N GLN B 326 11.43 21.34 1.17
CA GLN B 326 11.85 20.47 2.26
C GLN B 326 12.83 21.15 3.18
N GLY B 327 13.23 22.39 2.85
CA GLY B 327 14.09 23.15 3.74
C GLY B 327 13.31 24.19 4.55
N LEU B 328 12.00 24.29 4.31
CA LEU B 328 11.21 25.27 5.06
C LEU B 328 11.36 25.00 6.55
N GLY B 329 11.52 26.09 7.30
CA GLY B 329 11.74 26.04 8.74
C GLY B 329 13.21 26.10 9.14
N SER B 330 14.12 25.84 8.20
CA SER B 330 15.54 25.91 8.51
C SER B 330 16.03 27.36 8.68
N PHE B 331 15.21 28.31 8.29
CA PHE B 331 15.58 29.71 8.39
C PHE B 331 14.35 30.51 8.75
N ASP B 332 14.52 31.48 9.66
CA ASP B 332 13.41 32.27 10.12
C ASP B 332 12.91 33.17 8.99
N GLN B 333 11.68 32.91 8.52
CA GLN B 333 11.11 33.70 7.42
C GLN B 333 10.78 35.14 7.81
N GLU B 334 10.93 35.45 9.11
CA GLU B 334 10.76 36.82 9.62
C GLU B 334 12.01 37.66 9.42
N ASP B 335 13.15 37.00 9.53
CA ASP B 335 14.45 37.61 9.27
C ASP B 335 14.40 38.41 7.97
N PRO B 336 14.88 39.67 8.01
CA PRO B 336 14.90 40.53 6.84
C PRO B 336 15.62 39.91 5.63
N LYS B 337 16.55 38.98 5.86
CA LYS B 337 17.29 38.35 4.76
C LYS B 337 16.62 37.06 4.20
N SER B 338 15.36 36.81 4.59
CA SER B 338 14.64 35.62 4.11
C SER B 338 14.02 35.85 2.74
N LEU B 339 14.33 34.98 1.79
CA LEU B 339 13.71 35.04 0.47
C LEU B 339 12.48 34.14 0.38
N ASP B 340 12.27 33.36 1.44
CA ASP B 340 11.22 32.33 1.49
C ASP B 340 11.46 31.25 0.41
N MET B 341 10.39 30.63 -0.09
CA MET B 341 10.54 29.42 -0.91
C MET B 341 10.74 29.73 -2.39
N LEU B 342 11.56 28.91 -3.06
CA LEU B 342 11.78 29.09 -4.49
C LEU B 342 11.16 27.96 -5.33
N GLY B 343 11.13 28.18 -6.65
CA GLY B 343 10.58 27.22 -7.59
C GLY B 343 9.22 27.53 -8.18
N MET B 344 8.62 26.49 -8.76
CA MET B 344 7.36 26.60 -9.51
C MET B 344 6.26 27.26 -8.68
N HIS B 345 6.08 26.76 -7.45
CA HIS B 345 5.12 27.32 -6.51
C HIS B 345 5.79 28.23 -5.48
N GLY B 346 7.03 28.63 -5.74
CA GLY B 346 7.76 29.49 -4.81
C GLY B 346 7.41 30.94 -5.08
N CYS B 347 7.95 31.88 -4.32
CA CYS B 347 7.58 33.26 -4.53
C CYS B 347 8.54 33.96 -5.51
N ALA B 348 8.02 34.93 -6.24
CA ALA B 348 8.76 35.54 -7.35
C ALA B 348 10.11 36.09 -6.91
N THR B 349 10.14 36.72 -5.74
CA THR B 349 11.38 37.32 -5.22
C THR B 349 12.51 36.30 -5.14
N ALA B 350 12.22 35.10 -4.63
CA ALA B 350 13.23 34.05 -4.52
C ALA B 350 13.72 33.61 -5.90
N ASN B 351 12.78 33.37 -6.81
CA ASN B 351 13.09 32.86 -8.13
C ASN B 351 13.91 33.83 -8.98
N LEU B 352 13.54 35.11 -8.91
CA LEU B 352 14.21 36.13 -9.69
C LEU B 352 15.64 36.27 -9.16
N ALA B 353 15.78 36.13 -7.84
CA ALA B 353 17.09 36.26 -7.20
C ALA B 353 18.01 35.18 -7.73
N VAL B 354 17.42 34.05 -8.10
CA VAL B 354 18.17 32.90 -8.59
C VAL B 354 18.49 32.98 -10.11
N GLN B 355 17.56 33.47 -10.93
CA GLN B 355 17.85 33.72 -12.35
C GLN B 355 18.96 34.75 -12.44
N ASN B 356 18.95 35.68 -11.50
CA ASN B 356 20.10 36.56 -11.33
C ASN B 356 21.17 35.83 -10.53
N ALA B 357 21.73 36.52 -9.54
CA ALA B 357 22.76 35.97 -8.66
C ALA B 357 24.01 35.55 -9.44
N ASP B 358 25.16 36.04 -8.97
CA ASP B 358 26.43 35.63 -9.55
C ASP B 358 26.95 34.36 -8.86
N LEU B 359 26.42 34.09 -7.67
CA LEU B 359 26.83 32.93 -6.88
C LEU B 359 25.66 32.29 -6.10
N ILE B 360 25.38 31.03 -6.44
CA ILE B 360 24.42 30.23 -5.68
C ILE B 360 25.16 29.29 -4.77
N ILE B 361 25.03 29.51 -3.46
CA ILE B 361 25.57 28.58 -2.48
C ILE B 361 24.48 27.53 -2.11
N ALA B 362 24.56 26.35 -2.74
CA ALA B 362 23.54 25.30 -2.52
C ALA B 362 23.94 24.44 -1.35
N VAL B 363 23.06 24.38 -0.35
CA VAL B 363 23.34 23.71 0.89
C VAL B 363 22.30 22.61 1.15
N GLY B 364 22.71 21.36 0.97
CA GLY B 364 21.83 20.23 1.21
C GLY B 364 20.53 20.30 0.42
N ALA B 365 20.63 20.54 -0.89
CA ALA B 365 19.48 20.66 -1.79
C ALA B 365 19.78 19.96 -3.11
N ARG B 366 18.82 19.31 -3.78
CA ARG B 366 19.27 18.56 -4.96
C ARG B 366 18.85 19.09 -6.35
N PHE B 367 18.41 20.35 -6.43
CA PHE B 367 18.08 20.96 -7.73
C PHE B 367 16.98 20.20 -8.47
N ASP B 368 15.88 19.92 -7.77
CA ASP B 368 14.75 19.23 -8.36
C ASP B 368 14.17 20.01 -9.55
N ASP B 369 13.48 19.29 -10.43
CA ASP B 369 12.87 19.83 -11.63
C ASP B 369 11.92 20.99 -11.35
N ARG B 370 11.23 20.93 -10.22
CA ARG B 370 10.25 21.96 -9.86
C ARG B 370 10.88 23.17 -9.21
N VAL B 371 12.16 23.06 -8.88
CA VAL B 371 12.91 24.17 -8.31
C VAL B 371 13.66 24.89 -9.41
N THR B 372 14.35 24.12 -10.26
CA THR B 372 15.03 24.68 -11.42
C THR B 372 14.02 24.85 -12.55
N GLY B 373 14.20 25.86 -13.38
CA GLY B 373 13.33 25.97 -14.55
C GLY B 373 13.74 24.88 -15.52
N ASN B 374 13.90 25.26 -16.78
CA ASN B 374 14.73 24.42 -17.64
C ASN B 374 16.15 24.68 -17.13
N ILE B 375 16.98 23.63 -17.08
CA ILE B 375 18.36 23.79 -16.62
C ILE B 375 19.10 24.93 -17.36
N SER B 376 18.85 25.04 -18.66
CA SER B 376 19.58 25.97 -19.53
C SER B 376 19.48 27.43 -19.11
N LYS B 377 18.27 27.90 -18.84
CA LYS B 377 18.06 29.30 -18.50
C LYS B 377 18.10 29.50 -17.00
N PHE B 378 18.23 28.39 -16.27
CA PHE B 378 18.29 28.44 -14.81
C PHE B 378 19.60 29.08 -14.32
N ALA B 379 19.46 30.18 -13.57
CA ALA B 379 20.60 30.92 -13.03
C ALA B 379 21.70 31.19 -14.05
N PRO B 380 21.39 31.93 -15.13
CA PRO B 380 22.41 32.19 -16.13
C PRO B 380 23.36 33.29 -15.67
N GLU B 381 22.89 34.16 -14.79
CA GLU B 381 23.72 35.20 -14.20
C GLU B 381 24.83 34.57 -13.38
N ALA B 382 24.54 33.41 -12.79
CA ALA B 382 25.55 32.61 -12.11
C ALA B 382 26.44 31.93 -13.14
N ARG B 383 25.84 31.45 -14.22
CA ARG B 383 26.58 30.80 -15.29
C ARG B 383 27.53 31.78 -15.99
N ARG B 384 27.11 33.05 -16.09
CA ARG B 384 27.95 34.07 -16.72
C ARG B 384 29.12 34.41 -15.80
N ALA B 385 28.86 34.46 -14.49
CA ALA B 385 29.92 34.75 -13.54
C ALA B 385 30.91 33.59 -13.51
N ALA B 386 30.40 32.38 -13.79
CA ALA B 386 31.25 31.19 -13.90
C ALA B 386 32.15 31.24 -15.14
N ALA B 387 31.57 31.58 -16.29
CA ALA B 387 32.33 31.73 -17.53
C ALA B 387 33.32 32.88 -17.41
N GLU B 388 32.93 33.92 -16.66
CA GLU B 388 33.82 35.04 -16.37
C GLU B 388 34.63 34.78 -15.09
N GLY B 389 34.67 33.52 -14.67
CA GLY B 389 35.44 33.08 -13.53
C GLY B 389 35.25 33.89 -12.25
N ARG B 390 34.02 34.32 -12.00
CA ARG B 390 33.78 35.23 -10.90
C ARG B 390 32.60 34.74 -10.02
N GLY B 391 32.08 33.56 -10.34
CA GLY B 391 31.02 32.98 -9.54
C GLY B 391 30.57 31.63 -10.06
N GLY B 392 29.29 31.31 -9.84
CA GLY B 392 28.72 30.05 -10.30
C GLY B 392 27.96 29.35 -9.19
N ILE B 393 28.10 28.02 -9.15
CA ILE B 393 27.46 27.21 -8.13
C ILE B 393 28.48 26.58 -7.18
N ILE B 394 28.29 26.77 -5.88
CA ILE B 394 28.96 25.97 -4.86
C ILE B 394 27.95 24.97 -4.30
N HIS B 395 28.31 23.70 -4.19
CA HIS B 395 27.36 22.67 -3.74
C HIS B 395 27.88 21.96 -2.49
N PHE B 396 27.26 22.23 -1.36
CA PHE B 396 27.53 21.47 -0.16
C PHE B 396 26.65 20.23 -0.19
N GLU B 397 27.22 19.08 -0.53
CA GLU B 397 26.44 17.85 -0.77
C GLU B 397 27.09 16.59 -0.22
N VAL B 398 26.29 15.78 0.47
CA VAL B 398 26.79 14.61 1.19
C VAL B 398 27.01 13.39 0.28
N SER B 399 26.23 13.26 -0.78
CA SER B 399 26.30 12.12 -1.71
C SER B 399 26.94 12.53 -3.02
N PRO B 400 28.20 12.11 -3.25
CA PRO B 400 28.96 12.51 -4.44
C PRO B 400 28.18 12.33 -5.75
N LYS B 401 27.27 11.36 -5.81
CA LYS B 401 26.48 11.14 -7.03
C LYS B 401 25.57 12.30 -7.41
N ASN B 402 25.07 13.00 -6.40
CA ASN B 402 24.14 14.10 -6.64
C ASN B 402 24.88 15.39 -6.98
N ILE B 403 26.21 15.28 -7.07
CA ILE B 403 27.05 16.42 -7.46
C ILE B 403 27.29 16.41 -8.96
N ASN B 404 26.90 17.52 -9.60
CA ASN B 404 26.87 17.63 -11.05
C ASN B 404 25.92 16.64 -11.71
N LYS B 405 24.92 16.16 -10.99
CA LYS B 405 23.98 15.21 -11.59
C LYS B 405 22.93 15.95 -12.41
N VAL B 406 22.47 17.11 -11.91
CA VAL B 406 21.46 17.86 -12.65
C VAL B 406 22.06 19.13 -13.25
N VAL B 407 22.71 19.95 -12.43
CA VAL B 407 23.43 21.11 -12.97
C VAL B 407 24.92 20.94 -12.74
N GLN B 408 25.70 21.54 -13.64
CA GLN B 408 27.14 21.42 -13.57
C GLN B 408 27.72 22.50 -12.64
N THR B 409 28.58 22.06 -11.74
CA THR B 409 29.01 22.84 -10.58
C THR B 409 30.44 23.32 -10.67
N GLN B 410 30.73 24.47 -10.07
CA GLN B 410 32.09 25.01 -10.02
C GLN B 410 32.91 24.39 -8.88
N ILE B 411 32.35 24.43 -7.67
CA ILE B 411 33.01 23.88 -6.48
C ILE B 411 32.08 22.92 -5.75
N ALA B 412 32.58 21.74 -5.42
CA ALA B 412 31.84 20.80 -4.62
C ALA B 412 32.50 20.66 -3.25
N VAL B 413 31.70 20.77 -2.20
CA VAL B 413 32.19 20.51 -0.86
C VAL B 413 31.49 19.25 -0.32
N GLU B 414 32.17 18.11 -0.43
CA GLU B 414 31.56 16.83 -0.08
C GLU B 414 31.47 16.64 1.42
N GLY B 415 30.40 16.02 1.86
CA GLY B 415 30.28 15.66 3.26
C GLY B 415 29.06 16.31 3.88
N ASP B 416 29.00 16.25 5.21
CA ASP B 416 27.88 16.83 5.95
C ASP B 416 27.90 18.33 5.78
N ALA B 417 26.77 18.89 5.34
CA ALA B 417 26.72 20.33 5.05
C ALA B 417 27.07 21.18 6.28
N THR B 418 26.45 20.86 7.41
CA THR B 418 26.65 21.64 8.64
C THR B 418 28.11 21.60 9.11
N THR B 419 28.69 20.41 9.14
CA THR B 419 30.08 20.26 9.53
C THR B 419 31.00 21.11 8.64
N ASN B 420 30.70 21.13 7.35
CA ASN B 420 31.54 21.87 6.40
C ASN B 420 31.34 23.38 6.49
N LEU B 421 30.12 23.80 6.80
CA LEU B 421 29.88 25.19 7.09
C LEU B 421 30.71 25.61 8.29
N GLY B 422 30.70 24.77 9.32
CA GLY B 422 31.43 25.05 10.54
C GLY B 422 32.91 25.23 10.27
N LYS B 423 33.50 24.26 9.57
CA LYS B 423 34.90 24.36 9.20
C LYS B 423 35.18 25.64 8.41
N MET B 424 34.20 26.09 7.64
CA MET B 424 34.45 27.18 6.71
C MET B 424 34.28 28.57 7.37
N MET B 425 33.48 28.62 8.44
CA MET B 425 33.04 29.85 9.08
C MET B 425 34.10 30.93 9.37
N SER B 426 35.23 30.53 9.94
CA SER B 426 36.29 31.49 10.27
C SER B 426 36.88 32.13 9.01
N LYS B 427 37.00 31.34 7.95
CA LYS B 427 37.57 31.80 6.69
C LYS B 427 36.65 32.76 5.93
N ILE B 428 35.58 33.20 6.58
CA ILE B 428 34.59 34.06 5.94
C ILE B 428 34.75 35.50 6.38
N PHE B 429 34.93 36.42 5.44
CA PHE B 429 35.02 37.84 5.77
C PHE B 429 33.66 38.41 6.13
N PRO B 430 33.53 38.95 7.36
CA PRO B 430 32.32 39.62 7.82
C PRO B 430 31.92 40.77 6.88
N VAL B 431 30.64 40.85 6.54
CA VAL B 431 30.19 41.83 5.54
C VAL B 431 29.17 42.79 6.11
N LYS B 432 29.43 44.05 5.81
CA LYS B 432 28.74 45.22 6.28
C LYS B 432 27.35 45.11 5.77
N GLU B 433 27.26 45.12 4.44
CA GLU B 433 26.00 45.29 3.77
C GLU B 433 26.18 45.25 2.23
N ARG B 434 25.07 45.05 1.53
CA ARG B 434 25.01 44.80 0.08
C ARG B 434 23.92 45.61 -0.63
N SER B 435 23.48 46.74 -0.05
CA SER B 435 22.11 47.27 -0.33
C SER B 435 21.70 47.48 -1.78
N GLU B 436 22.61 47.44 -2.74
CA GLU B 436 22.12 47.36 -4.11
C GLU B 436 21.54 45.93 -4.32
N TRP B 437 21.80 45.04 -3.36
CA TRP B 437 21.22 43.69 -3.30
C TRP B 437 20.05 43.67 -2.30
N PHE B 438 20.37 43.91 -1.02
CA PHE B 438 19.42 43.99 0.09
C PHE B 438 18.32 45.05 -0.12
N ALA B 439 18.65 46.31 -0.43
CA ALA B 439 17.58 47.28 -0.70
C ALA B 439 16.87 46.90 -1.99
N GLN B 440 17.61 46.31 -2.94
CA GLN B 440 16.98 45.64 -4.07
C GLN B 440 16.24 44.39 -3.53
N ILE B 441 15.60 43.58 -4.37
CA ILE B 441 14.95 42.34 -3.91
C ILE B 441 13.83 42.68 -2.92
N ASN B 442 14.19 43.40 -1.86
CA ASN B 442 13.27 43.99 -0.92
C ASN B 442 12.22 44.87 -1.61
N LYS B 443 12.51 45.28 -2.84
CA LYS B 443 11.46 45.87 -3.67
C LYS B 443 10.87 44.88 -4.69
N TRP B 444 11.62 43.86 -5.11
CA TRP B 444 11.01 42.75 -5.87
C TRP B 444 9.79 42.18 -5.15
N LYS B 445 9.88 42.18 -3.82
CA LYS B 445 8.81 41.71 -2.98
C LYS B 445 7.54 42.51 -3.21
N LYS B 446 7.66 43.84 -3.13
CA LYS B 446 6.50 44.71 -3.27
C LYS B 446 5.75 44.45 -4.57
N GLU B 447 6.48 44.33 -5.67
CA GLU B 447 5.82 44.19 -6.95
C GLU B 447 5.39 42.73 -7.22
N TYR B 448 5.84 41.81 -6.37
CA TYR B 448 5.38 40.42 -6.44
C TYR B 448 5.21 39.69 -5.10
N PRO B 449 4.26 40.15 -4.26
CA PRO B 449 3.94 39.27 -3.13
C PRO B 449 3.12 38.08 -3.63
N TYR B 450 2.93 37.04 -2.81
CA TYR B 450 1.91 36.04 -3.15
C TYR B 450 0.56 36.78 -3.37
N ALA B 451 -0.16 36.44 -4.42
CA ALA B 451 -1.46 37.04 -4.68
C ALA B 451 -2.52 35.96 -4.94
N TYR B 452 -3.73 36.19 -4.40
CA TYR B 452 -4.86 35.30 -4.63
C TYR B 452 -6.10 36.18 -4.47
N MET B 453 -7.23 35.77 -5.07
CA MET B 453 -8.48 36.54 -4.93
C MET B 453 -8.99 36.37 -3.51
N GLU B 454 -8.94 37.44 -2.73
CA GLU B 454 -9.30 37.37 -1.32
C GLU B 454 -10.80 37.56 -1.11
N GLU B 455 -11.28 37.15 0.05
CA GLU B 455 -12.70 37.20 0.36
C GLU B 455 -13.32 38.57 0.10
N THR B 456 -14.56 38.55 -0.37
CA THR B 456 -15.42 39.73 -0.43
C THR B 456 -16.71 39.33 0.31
N PRO B 457 -17.53 40.33 0.71
CA PRO B 457 -18.79 40.04 1.41
C PRO B 457 -19.66 38.99 0.72
N GLY B 458 -19.94 37.91 1.45
CA GLY B 458 -20.74 36.81 0.94
C GLY B 458 -19.96 35.72 0.20
N SER B 459 -18.72 36.00 -0.17
CA SER B 459 -17.95 35.06 -1.00
C SER B 459 -17.58 33.76 -0.27
N LYS B 460 -17.11 32.77 -1.01
CA LYS B 460 -16.70 31.56 -0.35
C LYS B 460 -15.35 31.81 0.35
N ILE B 461 -15.01 30.91 1.26
CA ILE B 461 -13.81 31.03 2.06
C ILE B 461 -12.62 30.62 1.22
N LYS B 462 -11.56 31.42 1.21
CA LYS B 462 -10.35 31.03 0.50
C LYS B 462 -9.40 30.21 1.39
N PRO B 463 -8.90 29.10 0.87
CA PRO B 463 -7.99 28.21 1.63
C PRO B 463 -6.73 28.97 2.10
N GLN B 464 -6.21 29.88 1.28
CA GLN B 464 -5.05 30.67 1.66
C GLN B 464 -5.33 31.51 2.90
N THR B 465 -6.52 32.11 2.96
CA THR B 465 -6.98 32.88 4.11
C THR B 465 -7.07 32.01 5.40
N VAL B 466 -7.64 30.82 5.26
CA VAL B 466 -7.70 29.86 6.35
C VAL B 466 -6.30 29.59 6.90
N ILE B 467 -5.39 29.32 5.99
CA ILE B 467 -4.04 28.95 6.39
C ILE B 467 -3.33 30.15 7.05
N LYS B 468 -3.45 31.35 6.50
CA LYS B 468 -2.89 32.52 7.17
C LYS B 468 -3.48 32.76 8.56
N LYS B 469 -4.80 32.69 8.69
CA LYS B 469 -5.46 32.89 9.98
C LYS B 469 -5.01 31.85 11.00
N LEU B 470 -4.98 30.60 10.55
CA LEU B 470 -4.60 29.49 11.38
C LEU B 470 -3.14 29.67 11.87
N SER B 471 -2.28 30.14 10.98
CA SER B 471 -0.87 30.39 11.34
C SER B 471 -0.76 31.34 12.51
N LYS B 472 -1.56 32.40 12.46
CA LYS B 472 -1.57 33.39 13.50
C LYS B 472 -2.16 32.85 14.82
N VAL B 473 -3.28 32.13 14.72
CA VAL B 473 -3.91 31.57 15.90
C VAL B 473 -2.93 30.60 16.61
N ALA B 474 -2.25 29.76 15.84
CA ALA B 474 -1.26 28.82 16.43
C ALA B 474 -0.10 29.59 17.04
N ASN B 475 0.39 30.62 16.36
CA ASN B 475 1.44 31.45 16.88
C ASN B 475 1.05 32.10 18.23
N ASP B 476 -0.21 32.51 18.37
CA ASP B 476 -0.68 33.19 19.57
C ASP B 476 -0.55 32.31 20.81
N THR B 477 -0.56 30.98 20.63
CA THR B 477 -0.39 30.12 21.79
C THR B 477 1.06 30.15 22.36
N GLY B 478 2.04 30.61 21.57
CA GLY B 478 3.44 30.64 21.99
C GLY B 478 4.01 29.20 22.00
N ARG B 479 3.28 28.23 21.45
CA ARG B 479 3.74 26.87 21.51
C ARG B 479 4.66 26.53 20.34
N HIS B 480 5.48 25.50 20.53
CA HIS B 480 6.16 24.91 19.39
C HIS B 480 5.13 24.23 18.48
N VAL B 481 5.10 24.59 17.20
CA VAL B 481 4.09 24.10 16.30
C VAL B 481 4.70 23.31 15.17
N ILE B 482 4.16 22.12 14.94
CA ILE B 482 4.58 21.25 13.85
C ILE B 482 3.40 21.06 12.89
N VAL B 483 3.66 21.22 11.58
CA VAL B 483 2.63 21.08 10.57
C VAL B 483 2.94 19.90 9.64
N THR B 484 1.99 19.00 9.45
CA THR B 484 2.09 18.01 8.40
C THR B 484 0.98 18.37 7.38
N THR B 485 0.98 17.70 6.22
CA THR B 485 -0.03 17.93 5.17
C THR B 485 -0.31 16.64 4.40
N GLY B 486 -1.41 16.67 3.62
CA GLY B 486 -1.62 15.69 2.55
C GLY B 486 -0.91 16.18 1.28
N VAL B 487 -1.42 15.81 0.13
CA VAL B 487 -0.77 16.15 -1.13
C VAL B 487 -1.80 16.75 -2.04
N GLY B 488 -1.48 17.91 -2.62
CA GLY B 488 -2.38 18.58 -3.54
C GLY B 488 -2.22 20.08 -3.40
N GLN B 489 -3.22 20.81 -3.85
CA GLN B 489 -3.19 22.27 -3.78
C GLN B 489 -2.99 22.75 -2.33
N HIS B 490 -3.62 22.10 -1.36
CA HIS B 490 -3.55 22.54 0.04
C HIS B 490 -2.12 22.40 0.58
N GLN B 491 -1.38 21.44 0.04
CA GLN B 491 0.02 21.23 0.43
C GLN B 491 0.86 22.45 0.06
N MET B 492 0.68 22.96 -1.16
CA MET B 492 1.39 24.15 -1.60
C MET B 492 0.90 25.39 -0.87
N TRP B 493 -0.41 25.50 -0.65
CA TRP B 493 -0.90 26.65 0.09
C TRP B 493 -0.31 26.70 1.50
N ALA B 494 -0.18 25.54 2.13
CA ALA B 494 0.45 25.48 3.45
C ALA B 494 1.89 25.96 3.36
N ALA B 495 2.64 25.43 2.39
CA ALA B 495 4.04 25.80 2.22
C ALA B 495 4.17 27.31 2.02
N GLN B 496 3.28 27.87 1.20
CA GLN B 496 3.37 29.29 0.84
C GLN B 496 2.91 30.23 1.95
N HIS B 497 1.79 29.90 2.56
CA HIS B 497 1.10 30.94 3.31
C HIS B 497 1.26 30.79 4.81
N TRP B 498 1.82 29.69 5.27
CA TRP B 498 2.22 29.63 6.69
C TRP B 498 3.52 30.43 6.85
N THR B 499 3.78 30.99 8.03
CA THR B 499 5.09 31.63 8.23
C THR B 499 6.05 30.71 8.98
N TRP B 500 7.08 30.24 8.28
CA TRP B 500 7.96 29.17 8.82
C TRP B 500 9.09 29.79 9.64
N ARG B 501 9.28 29.32 10.87
CA ARG B 501 10.31 29.91 11.76
C ARG B 501 11.33 28.93 12.37
N ASN B 502 10.90 27.70 12.63
CA ASN B 502 11.67 26.75 13.42
C ASN B 502 12.00 25.50 12.63
N PRO B 503 13.17 24.93 12.88
CA PRO B 503 13.57 23.72 12.14
C PRO B 503 12.70 22.51 12.50
N HIS B 504 12.46 21.63 11.54
CA HIS B 504 11.74 20.38 11.79
C HIS B 504 10.29 20.62 12.17
N THR B 505 9.66 21.62 11.55
CA THR B 505 8.26 21.87 11.83
C THR B 505 7.38 21.79 10.57
N PHE B 506 7.98 21.57 9.40
CA PHE B 506 7.15 21.29 8.20
C PHE B 506 7.44 19.88 7.76
N ILE B 507 6.44 19.01 7.83
CA ILE B 507 6.62 17.60 7.61
C ILE B 507 5.66 17.20 6.51
N THR B 508 6.17 17.16 5.28
CA THR B 508 5.27 16.98 4.13
C THR B 508 5.93 16.02 3.13
N SER B 509 5.13 15.31 2.35
CA SER B 509 5.64 14.28 1.45
C SER B 509 6.02 14.97 0.17
N GLY B 510 7.31 15.22 0.01
CA GLY B 510 7.72 16.01 -1.13
C GLY B 510 8.23 15.22 -2.32
N GLY B 511 9.09 14.22 -2.07
CA GLY B 511 9.72 13.55 -3.19
C GLY B 511 8.77 12.55 -3.85
N LEU B 512 7.95 11.87 -3.07
CA LEU B 512 7.02 10.90 -3.65
C LEU B 512 5.59 11.47 -3.77
N GLY B 513 5.23 12.37 -2.86
CA GLY B 513 3.92 13.01 -2.88
C GLY B 513 2.81 11.99 -2.56
N THR B 514 2.93 11.35 -1.39
CA THR B 514 1.96 10.34 -0.96
C THR B 514 0.70 10.95 -0.31
N MET B 515 -0.42 10.99 -1.02
CA MET B 515 -1.69 11.32 -0.37
C MET B 515 -1.94 10.40 0.80
N GLY B 516 -2.49 10.93 1.90
CA GLY B 516 -2.77 10.12 3.07
C GLY B 516 -1.66 10.25 4.10
N TYR B 517 -0.58 10.92 3.74
CA TYR B 517 0.56 11.12 4.64
C TYR B 517 0.24 11.94 5.88
N GLY B 518 -0.69 12.89 5.75
CA GLY B 518 -0.83 13.94 6.77
C GLY B 518 -1.21 13.46 8.15
N LEU B 519 -2.26 12.65 8.23
CA LEU B 519 -2.74 12.22 9.54
C LEU B 519 -1.76 11.29 10.27
N PRO B 520 -1.31 10.18 9.62
CA PRO B 520 -0.38 9.34 10.39
C PRO B 520 0.97 10.04 10.62
N ALA B 521 1.44 10.91 9.69
CA ALA B 521 2.68 11.65 9.99
C ALA B 521 2.46 12.52 11.22
N ALA B 522 1.27 13.14 11.33
CA ALA B 522 1.04 14.02 12.48
C ALA B 522 1.05 13.22 13.78
N ILE B 523 0.50 12.01 13.73
CA ILE B 523 0.42 11.18 14.93
C ILE B 523 1.85 10.82 15.34
N GLY B 524 2.69 10.45 14.38
CA GLY B 524 4.06 10.07 14.75
C GLY B 524 4.89 11.27 15.21
N ALA B 525 4.63 12.44 14.62
CA ALA B 525 5.32 13.68 15.04
C ALA B 525 4.93 14.04 16.46
N GLN B 526 3.66 13.85 16.76
CA GLN B 526 3.14 14.16 18.11
C GLN B 526 3.76 13.25 19.17
N VAL B 527 4.00 11.98 18.81
CA VAL B 527 4.67 11.08 19.72
C VAL B 527 6.12 11.53 19.92
N ALA B 528 6.76 11.99 18.84
CA ALA B 528 8.15 12.45 18.94
C ALA B 528 8.25 13.69 19.81
N LYS B 529 7.23 14.54 19.71
CA LYS B 529 7.25 15.86 20.37
C LYS B 529 5.95 16.08 21.12
N PRO B 530 5.78 15.37 22.26
CA PRO B 530 4.51 15.40 23.02
C PRO B 530 4.09 16.82 23.42
N GLU B 531 5.03 17.74 23.63
CA GLU B 531 4.65 19.10 24.04
C GLU B 531 4.26 19.99 22.85
N SER B 532 4.52 19.54 21.63
CA SER B 532 4.21 20.39 20.48
C SER B 532 2.74 20.41 20.13
N LEU B 533 2.32 21.53 19.54
CA LEU B 533 1.04 21.64 18.90
C LEU B 533 1.21 21.06 17.49
N VAL B 534 0.49 20.00 17.16
CA VAL B 534 0.71 19.35 15.88
C VAL B 534 -0.54 19.47 15.00
N ILE B 535 -0.38 20.10 13.84
CA ILE B 535 -1.52 20.39 12.96
C ILE B 535 -1.31 19.71 11.62
N ASP B 536 -2.32 18.95 11.19
CA ASP B 536 -2.34 18.34 9.87
C ASP B 536 -3.19 19.23 8.98
N ILE B 537 -2.54 19.91 8.04
CA ILE B 537 -3.30 20.70 7.06
C ILE B 537 -3.53 19.76 5.90
N ASP B 538 -4.76 19.28 5.75
CA ASP B 538 -5.05 18.16 4.84
C ASP B 538 -6.07 18.52 3.77
N GLY B 539 -6.05 17.75 2.69
CA GLY B 539 -7.08 17.83 1.66
C GLY B 539 -8.13 16.74 1.87
N ASP B 540 -9.32 16.95 1.35
CA ASP B 540 -10.38 15.98 1.52
C ASP B 540 -10.03 14.63 0.80
N ALA B 541 -9.52 14.64 -0.42
CA ALA B 541 -9.20 13.36 -1.09
C ALA B 541 -8.03 12.69 -0.35
N SER B 542 -6.97 13.44 0.00
CA SER B 542 -5.86 12.89 0.75
C SER B 542 -6.27 12.26 2.07
N PHE B 543 -7.12 12.98 2.79
CA PHE B 543 -7.51 12.54 4.11
C PHE B 543 -8.28 11.22 4.00
N ASN B 544 -9.09 11.06 2.98
CA ASN B 544 -9.80 9.79 2.82
C ASN B 544 -8.85 8.60 2.66
N MET B 545 -7.58 8.83 2.28
CA MET B 545 -6.78 7.72 1.95
C MET B 545 -6.51 6.88 3.26
N THR B 546 -6.28 7.59 4.36
CA THR B 546 -5.78 6.93 5.58
C THR B 546 -6.59 7.29 6.83
N LEU B 547 -7.84 7.71 6.62
CA LEU B 547 -8.63 8.27 7.73
C LEU B 547 -8.95 7.21 8.80
N THR B 548 -8.76 5.92 8.50
CA THR B 548 -8.98 4.92 9.57
C THR B 548 -8.07 5.21 10.79
N GLU B 549 -6.95 5.89 10.57
CA GLU B 549 -6.01 6.18 11.66
C GLU B 549 -6.50 7.22 12.67
N LEU B 550 -7.67 7.81 12.44
CA LEU B 550 -8.27 8.66 13.48
C LEU B 550 -8.41 7.87 14.79
N SER B 551 -8.85 6.60 14.72
CA SER B 551 -9.06 5.87 15.99
C SER B 551 -7.69 5.61 16.65
N SER B 552 -6.65 5.41 15.82
CA SER B 552 -5.26 5.28 16.29
C SER B 552 -4.80 6.47 17.08
N ALA B 553 -5.13 7.67 16.58
CA ALA B 553 -4.86 8.91 17.30
C ALA B 553 -5.50 8.90 18.66
N VAL B 554 -6.77 8.50 18.72
CA VAL B 554 -7.51 8.51 19.99
C VAL B 554 -6.89 7.47 20.89
N GLN B 555 -6.52 6.32 20.35
CA GLN B 555 -5.98 5.26 21.21
C GLN B 555 -4.60 5.67 21.77
N ALA B 556 -3.78 6.30 20.93
CA ALA B 556 -2.43 6.73 21.37
C ALA B 556 -2.53 7.95 22.28
N GLY B 557 -3.67 8.63 22.27
CA GLY B 557 -3.83 9.85 23.03
C GLY B 557 -3.23 11.12 22.40
N THR B 558 -2.69 11.01 21.19
CA THR B 558 -2.02 12.13 20.54
C THR B 558 -3.01 13.21 20.15
N PRO B 559 -2.90 14.43 20.74
CA PRO B 559 -3.93 15.47 20.49
C PRO B 559 -3.71 16.25 19.20
N VAL B 560 -3.59 15.52 18.09
CA VAL B 560 -3.39 16.15 16.78
C VAL B 560 -4.60 17.00 16.36
N LYS B 561 -4.31 18.08 15.64
CA LYS B 561 -5.32 19.03 15.17
C LYS B 561 -5.43 18.79 13.66
N ILE B 562 -6.54 18.22 13.21
CA ILE B 562 -6.64 17.80 11.81
C ILE B 562 -7.53 18.80 11.09
N LEU B 563 -6.95 19.53 10.15
CA LEU B 563 -7.73 20.50 9.38
C LEU B 563 -8.04 19.88 8.00
N ILE B 564 -9.31 19.78 7.62
CA ILE B 564 -9.68 19.35 6.27
C ILE B 564 -10.10 20.59 5.48
N LEU B 565 -9.33 20.95 4.47
CA LEU B 565 -9.78 21.98 3.52
C LEU B 565 -10.65 21.30 2.45
N ASN B 566 -11.96 21.31 2.66
CA ASN B 566 -12.86 20.58 1.78
C ASN B 566 -13.30 21.41 0.56
N ASN B 567 -12.70 21.08 -0.59
CA ASN B 567 -13.09 21.75 -1.85
C ASN B 567 -13.70 20.72 -2.81
N GLU B 568 -14.43 19.76 -2.26
CA GLU B 568 -14.96 18.60 -3.00
C GLU B 568 -15.74 18.93 -4.28
N GLU B 569 -16.37 20.10 -4.35
CA GLU B 569 -17.25 20.38 -5.48
C GLU B 569 -16.47 20.56 -6.78
N GLN B 570 -15.20 20.93 -6.72
CA GLN B 570 -14.41 20.91 -7.94
C GLN B 570 -13.84 19.50 -8.15
N GLY B 571 -13.65 19.06 -9.38
CA GLY B 571 -13.13 17.71 -9.58
C GLY B 571 -11.66 17.58 -9.19
N MET B 572 -11.21 16.33 -9.00
CA MET B 572 -9.80 16.03 -8.79
C MET B 572 -8.94 16.16 -10.07
N VAL B 573 -9.58 16.13 -11.24
CA VAL B 573 -8.84 16.08 -12.49
C VAL B 573 -9.17 17.25 -13.41
N THR B 574 -8.17 18.10 -13.64
CA THR B 574 -8.35 19.25 -14.53
C THR B 574 -8.42 18.75 -15.96
N GLN B 575 -9.50 19.07 -16.67
CA GLN B 575 -9.64 18.66 -18.05
C GLN B 575 -9.17 19.75 -19.02
N TRP B 576 -9.33 21.01 -18.62
CA TRP B 576 -8.74 22.17 -19.31
C TRP B 576 -8.93 23.42 -18.45
N GLN B 577 -8.42 24.54 -18.92
CA GLN B 577 -8.40 25.77 -18.14
C GLN B 577 -8.09 26.97 -19.01
N SER B 578 -8.55 28.15 -18.58
CA SER B 578 -8.31 29.38 -19.33
C SER B 578 -6.83 29.74 -19.30
N LEU B 579 -6.39 30.45 -20.34
CA LEU B 579 -4.99 30.81 -20.51
C LEU B 579 -4.49 31.66 -19.35
N PHE B 580 -5.25 32.68 -18.97
CA PHE B 580 -4.86 33.60 -17.89
C PHE B 580 -5.49 33.23 -16.55
N TYR B 581 -6.57 33.92 -16.17
CA TYR B 581 -7.23 33.76 -14.86
C TYR B 581 -7.55 32.34 -14.43
N GLU B 582 -6.63 31.42 -14.69
CA GLU B 582 -6.74 29.98 -14.44
C GLU B 582 -8.12 29.48 -13.98
N HIS B 583 -9.19 29.85 -14.69
CA HIS B 583 -10.46 29.19 -14.44
C HIS B 583 -10.24 27.74 -14.86
N ARG B 584 -10.45 26.82 -13.93
CA ARG B 584 -10.23 25.39 -14.15
C ARG B 584 -11.55 24.66 -14.35
N TYR B 585 -11.60 23.86 -15.40
CA TYR B 585 -12.73 22.96 -15.60
C TYR B 585 -12.24 21.55 -15.28
N SER B 586 -12.89 20.93 -14.32
CA SER B 586 -12.39 19.69 -13.78
C SER B 586 -13.49 18.62 -13.66
N HIS B 587 -13.08 17.36 -13.56
CA HIS B 587 -14.02 16.26 -13.30
C HIS B 587 -13.43 15.28 -12.28
N THR B 588 -14.18 14.21 -12.04
CA THR B 588 -13.83 13.16 -11.04
C THR B 588 -13.99 13.68 -9.63
N HIS B 589 -15.22 13.52 -9.15
CA HIS B 589 -15.58 13.93 -7.80
C HIS B 589 -15.67 12.72 -6.90
N GLN B 590 -15.04 12.80 -5.75
CA GLN B 590 -15.21 11.74 -4.81
C GLN B 590 -16.31 12.11 -3.79
N LEU B 591 -17.09 11.11 -3.39
CA LEU B 591 -18.08 11.27 -2.37
C LEU B 591 -17.39 11.22 -1.02
N ASN B 592 -17.42 12.34 -0.31
CA ASN B 592 -16.84 12.41 1.02
C ASN B 592 -17.81 11.87 2.08
N PRO B 593 -17.26 11.31 3.18
CA PRO B 593 -18.11 11.09 4.35
C PRO B 593 -18.45 12.42 5.02
N ASP B 594 -19.43 12.41 5.93
CA ASP B 594 -19.62 13.54 6.83
C ASP B 594 -18.45 13.54 7.81
N PHE B 595 -17.54 14.52 7.68
CA PHE B 595 -16.29 14.44 8.44
C PHE B 595 -16.49 14.66 9.95
N ILE B 596 -17.53 15.41 10.32
CA ILE B 596 -17.78 15.73 11.72
C ILE B 596 -18.41 14.49 12.39
N LYS B 597 -19.36 13.84 11.73
CA LYS B 597 -19.89 12.57 12.22
C LYS B 597 -18.81 11.50 12.23
N LEU B 598 -17.93 11.56 11.25
CA LEU B 598 -16.86 10.60 11.23
C LEU B 598 -15.96 10.78 12.46
N ALA B 599 -15.58 12.03 12.72
CA ALA B 599 -14.68 12.32 13.84
C ALA B 599 -15.35 11.82 15.12
N GLU B 600 -16.64 12.06 15.28
CA GLU B 600 -17.33 11.62 16.52
C GLU B 600 -17.42 10.09 16.61
N ALA B 601 -17.65 9.42 15.49
CA ALA B 601 -17.60 7.95 15.50
C ALA B 601 -16.27 7.40 15.90
N MET B 602 -15.20 8.10 15.51
CA MET B 602 -13.86 7.65 15.80
C MET B 602 -13.41 8.02 17.23
N GLY B 603 -14.21 8.81 17.94
CA GLY B 603 -13.95 9.19 19.33
C GLY B 603 -13.29 10.55 19.55
N LEU B 604 -13.35 11.45 18.57
CA LEU B 604 -12.78 12.76 18.77
C LEU B 604 -13.73 13.89 18.42
N LYS B 605 -13.34 15.12 18.78
CA LYS B 605 -14.23 16.24 18.60
C LYS B 605 -14.22 16.60 17.12
N GLY B 606 -15.39 16.97 16.57
CA GLY B 606 -15.44 17.48 15.19
C GLY B 606 -16.03 18.88 15.14
N LEU B 607 -15.45 19.75 14.33
CA LEU B 607 -15.92 21.14 14.12
C LEU B 607 -16.05 21.38 12.64
N ARG B 608 -17.03 22.19 12.24
CA ARG B 608 -17.17 22.52 10.82
C ARG B 608 -17.34 24.02 10.61
N VAL B 609 -16.66 24.58 9.61
CA VAL B 609 -16.93 25.97 9.20
C VAL B 609 -17.57 25.97 7.82
N LYS B 610 -18.75 26.58 7.69
CA LYS B 610 -19.40 26.72 6.41
C LYS B 610 -19.35 28.11 5.86
N LYS B 611 -19.17 29.13 6.72
CA LYS B 611 -19.28 30.54 6.32
C LYS B 611 -18.17 31.36 6.94
N GLN B 612 -17.78 32.44 6.26
CA GLN B 612 -16.71 33.33 6.70
C GLN B 612 -16.88 33.79 8.15
N GLU B 613 -18.10 34.15 8.50
CA GLU B 613 -18.41 34.70 9.81
C GLU B 613 -18.01 33.75 10.94
N GLU B 614 -17.96 32.45 10.70
CA GLU B 614 -17.65 31.59 11.81
C GLU B 614 -16.19 31.15 11.83
N LEU B 615 -15.40 31.62 10.87
CA LEU B 615 -14.07 31.03 10.72
C LEU B 615 -13.15 31.34 11.93
N ASP B 616 -13.15 32.59 12.38
CA ASP B 616 -12.19 32.98 13.42
C ASP B 616 -12.46 32.20 14.72
N ALA B 617 -13.72 32.18 15.15
CA ALA B 617 -14.08 31.49 16.39
C ALA B 617 -13.79 30.00 16.31
N LYS B 618 -14.05 29.39 15.17
CA LYS B 618 -13.82 27.96 15.06
C LYS B 618 -12.33 27.61 14.99
N LEU B 619 -11.53 28.46 14.34
CA LEU B 619 -10.07 28.19 14.30
C LEU B 619 -9.52 28.29 15.74
N LYS B 620 -9.99 29.29 16.49
CA LYS B 620 -9.55 29.44 17.86
C LYS B 620 -9.95 28.20 18.67
N GLU B 621 -11.18 27.75 18.50
CA GLU B 621 -11.63 26.59 19.28
C GLU B 621 -10.83 25.35 18.90
N PHE B 622 -10.59 25.21 17.59
CA PHE B 622 -9.78 24.10 17.00
C PHE B 622 -8.44 23.97 17.73
N VAL B 623 -7.71 25.08 17.75
CA VAL B 623 -6.40 25.09 18.31
C VAL B 623 -6.46 24.98 19.83
N SER B 624 -7.47 25.58 20.48
CA SER B 624 -7.54 25.61 21.96
C SER B 624 -7.96 24.28 22.56
N THR B 625 -8.68 23.50 21.78
CA THR B 625 -9.27 22.25 22.25
C THR B 625 -8.22 21.29 22.81
N LYS B 626 -8.49 20.75 23.99
CA LYS B 626 -7.67 19.65 24.50
C LYS B 626 -8.04 18.35 23.75
N GLY B 627 -7.04 17.56 23.41
CA GLY B 627 -7.35 16.28 22.80
C GLY B 627 -7.37 16.41 21.28
N PRO B 628 -7.49 15.29 20.59
CA PRO B 628 -7.47 15.35 19.12
C PRO B 628 -8.74 16.00 18.61
N VAL B 629 -8.66 16.70 17.50
CA VAL B 629 -9.86 17.38 17.02
C VAL B 629 -9.76 17.52 15.50
N LEU B 630 -10.92 17.47 14.84
CA LEU B 630 -10.96 17.63 13.39
C LEU B 630 -11.80 18.88 13.08
N LEU B 631 -11.23 19.76 12.28
CA LEU B 631 -11.98 20.91 11.80
C LEU B 631 -12.07 20.78 10.27
N GLU B 632 -13.30 20.74 9.77
CA GLU B 632 -13.51 20.81 8.33
C GLU B 632 -13.86 22.26 7.97
N VAL B 633 -13.15 22.82 6.99
CA VAL B 633 -13.57 24.11 6.46
C VAL B 633 -14.00 23.91 5.03
N GLU B 634 -15.25 24.26 4.73
CA GLU B 634 -15.69 24.25 3.33
C GLU B 634 -15.06 25.41 2.58
N VAL B 635 -14.33 25.13 1.50
CA VAL B 635 -13.63 26.22 0.84
C VAL B 635 -14.01 26.31 -0.59
N ASP B 636 -13.76 27.49 -1.16
CA ASP B 636 -13.97 27.80 -2.57
C ASP B 636 -13.13 26.93 -3.49
N LYS B 637 -13.79 26.49 -4.57
CA LYS B 637 -13.32 25.43 -5.46
C LYS B 637 -12.32 25.92 -6.52
N LYS B 638 -12.28 27.23 -6.74
CA LYS B 638 -11.39 27.83 -7.72
C LYS B 638 -10.24 28.48 -6.97
N VAL B 639 -9.06 27.86 -7.03
CA VAL B 639 -7.88 28.21 -6.21
C VAL B 639 -8.22 28.91 -4.89
K K C . -20.61 -25.83 5.06
PA FAD D . -4.76 -22.95 -5.10
O1A FAD D . -5.08 -21.73 -6.00
O2A FAD D . -3.58 -22.76 -4.19
O5B FAD D . -4.26 -24.18 -6.00
C5B FAD D . -5.09 -24.44 -7.18
C4B FAD D . -4.25 -25.43 -8.02
O4B FAD D . -4.99 -25.53 -9.24
C3B FAD D . -2.91 -24.86 -8.41
O3B FAD D . -1.86 -25.85 -8.44
C2B FAD D . -3.10 -24.30 -9.76
O2B FAD D . -1.87 -24.34 -10.55
C1B FAD D . -4.11 -25.22 -10.33
N9A FAD D . -4.88 -24.65 -11.37
C8A FAD D . -5.25 -23.37 -11.49
N7A FAD D . -6.01 -23.21 -12.58
C5A FAD D . -6.15 -24.42 -13.19
C6A FAD D . -6.81 -24.91 -14.34
N6A FAD D . -7.51 -24.05 -15.20
N1A FAD D . -6.75 -26.25 -14.61
C2A FAD D . -6.07 -27.08 -13.84
N3A FAD D . -5.43 -26.67 -12.74
C4A FAD D . -5.46 -25.35 -12.39
N1 FAD D . -7.81 -24.96 3.09
C2 FAD D . -8.64 -26.09 2.99
O2 FAD D . -9.00 -26.41 1.88
N3 FAD D . -9.04 -26.77 4.13
C4 FAD D . -8.62 -26.37 5.38
O4 FAD D . -8.96 -26.99 6.40
C4X FAD D . -7.73 -25.16 5.50
N5 FAD D . -7.28 -24.72 6.75
C5X FAD D . -6.43 -23.66 6.81
C6 FAD D . -5.94 -23.27 8.07
C7 FAD D . -5.05 -22.18 8.18
C7M FAD D . -4.51 -21.76 9.56
C8 FAD D . -4.67 -21.49 7.03
C8M FAD D . -3.71 -20.29 7.15
C9 FAD D . -5.17 -21.88 5.77
C9A FAD D . -6.07 -22.97 5.65
N10 FAD D . -6.55 -23.37 4.41
C10 FAD D . -7.36 -24.49 4.35
C1' FAD D . -6.19 -22.74 3.19
C2' FAD D . -5.09 -23.56 2.50
O2' FAD D . -3.86 -23.28 3.15
C3' FAD D . -4.97 -23.17 0.98
O3' FAD D . -4.99 -21.79 0.88
C4' FAD D . -6.11 -23.73 0.16
O4' FAD D . -6.45 -25.08 0.53
C5' FAD D . -5.63 -23.77 -1.27
O5' FAD D . -6.76 -24.03 -2.05
P FAD D . -6.57 -24.59 -3.56
O1P FAD D . -5.50 -25.63 -3.69
O2P FAD D . -8.00 -24.88 -4.05
O3P FAD D . -6.13 -23.31 -4.43
MG MG E . -11.84 -9.74 15.75
N1' TPP F . -1.72 -7.62 8.91
C2' TPP F . -2.32 -7.85 7.72
CM2 TPP F . -2.43 -6.79 6.65
N3' TPP F . -2.80 -9.08 7.48
C4' TPP F . -2.68 -10.08 8.42
N4' TPP F . -3.18 -11.35 8.04
C5' TPP F . -2.11 -9.87 9.70
C6' TPP F . -1.62 -8.59 9.90
C7' TPP F . -1.97 -10.96 10.79
N3 TPP F . -3.31 -11.29 11.36
C2 TPP F . -3.96 -12.36 10.88
S1 TPP F . -5.54 -12.55 11.68
C5 TPP F . -5.27 -11.13 12.65
C4 TPP F . -3.98 -10.59 12.34
CM4 TPP F . -3.45 -9.36 13.05
C6 TPP F . -6.37 -10.67 13.61
C7 TPP F . -7.71 -10.69 12.83
O7 TPP F . -8.67 -9.94 13.55
PA TPP F . -10.20 -9.93 13.05
O1A TPP F . -10.28 -9.19 11.73
O2A TPP F . -10.95 -9.04 14.06
O3A TPP F . -10.75 -11.40 12.88
PB TPP F . -11.00 -12.36 14.10
O1B TPP F . -9.85 -13.40 14.26
O2B TPP F . -11.23 -11.68 15.44
O3B TPP F . -12.33 -13.00 13.71
O1 OXY G . -3.55 14.68 -9.67
O2 OXY G . -4.64 14.50 -10.29
O1 OXY H . 0.68 11.12 -9.86
O2 OXY H . 1.29 11.10 -10.96
O1 OXY I . -6.86 -3.14 14.48
O2 OXY I . -7.88 -3.14 15.20
C ACT J . 0.32 14.09 -9.79
O ACT J . -0.42 13.14 -9.72
OXT ACT J . -0.11 15.24 -9.96
CH3 ACT J . 1.77 13.83 -9.69
K K K . 5.61 31.69 3.96
PA FAD L . 15.90 16.48 -0.85
O1A FAD L . 15.78 15.62 0.42
O2A FAD L . 15.13 15.91 -2.01
O5B FAD L . 17.43 16.57 -1.30
C5B FAD L . 18.32 17.12 -0.31
C4B FAD L . 19.75 17.07 -0.85
O4B FAD L . 20.62 17.31 0.25
C3B FAD L . 20.08 15.70 -1.35
O3B FAD L . 20.97 15.78 -2.46
C2B FAD L . 20.76 15.05 -0.21
O2B FAD L . 21.69 14.03 -0.66
C1B FAD L . 21.49 16.17 0.38
N9A FAD L . 21.75 15.95 1.76
C8A FAD L . 21.03 15.26 2.62
N7A FAD L . 21.60 15.32 3.83
C5A FAD L . 22.74 16.08 3.73
C6A FAD L . 23.78 16.49 4.62
N6A FAD L . 23.75 16.09 5.95
N1A FAD L . 24.77 17.29 4.16
C2A FAD L . 24.82 17.63 2.89
N3A FAD L . 23.88 17.27 2.00
C4A FAD L . 22.84 16.49 2.40
N1 FAD L . 9.75 21.87 -4.17
C2 FAD L . 10.15 23.23 -4.18
O2 FAD L . 11.16 23.57 -3.57
N3 FAD L . 9.40 24.15 -4.90
C4 FAD L . 8.26 23.72 -5.58
O4 FAD L . 7.57 24.48 -6.19
C4X FAD L . 7.82 22.28 -5.55
N5 FAD L . 6.68 21.84 -6.23
C5X FAD L . 6.11 20.69 -5.74
C6 FAD L . 4.74 20.43 -5.97
C7 FAD L . 4.12 19.28 -5.46
C7M FAD L . 2.61 19.05 -5.73
C8 FAD L . 4.87 18.35 -4.70
C8M FAD L . 4.17 17.09 -4.14
C9 FAD L . 6.25 18.61 -4.46
C9A FAD L . 6.88 19.79 -4.98
N10 FAD L . 8.22 20.08 -4.76
C10 FAD L . 8.59 21.40 -4.84
C1' FAD L . 9.02 19.26 -3.92
C2' FAD L . 10.11 18.60 -4.80
O2' FAD L . 9.49 17.47 -5.42
C3' FAD L . 11.28 18.12 -3.85
O3' FAD L . 10.73 17.28 -2.92
C4' FAD L . 12.01 19.25 -3.14
O4' FAD L . 12.33 20.39 -3.93
C5' FAD L . 13.30 18.68 -2.62
O5' FAD L . 13.85 19.62 -1.73
P FAD L . 15.36 19.30 -1.22
O1P FAD L . 16.34 19.30 -2.39
O2P FAD L . 15.64 20.31 -0.14
O3P FAD L . 15.36 17.90 -0.47
MG MG M . -9.46 18.60 -2.21
N1' TPP N . -2.67 8.75 -5.47
C2' TPP N . -1.75 8.86 -4.44
CM2 TPP N . -1.56 7.82 -3.38
N3' TPP N . -0.95 9.97 -4.41
C4' TPP N . -1.06 10.92 -5.36
N4' TPP N . -0.15 11.97 -5.24
C5' TPP N . -2.00 10.84 -6.39
C6' TPP N . -2.80 9.72 -6.41
C7' TPP N . -2.21 11.93 -7.48
N3 TPP N . -2.80 13.18 -6.89
C2 TPP N . -1.96 14.18 -6.54
S1 TPP N . -2.90 15.54 -5.87
C5 TPP N . -4.39 14.66 -6.03
C4 TPP N . -4.11 13.41 -6.63
CM4 TPP N . -5.24 12.43 -6.94
C6 TPP N . -5.74 15.25 -5.59
C7 TPP N . -5.54 15.68 -4.11
O7 TPP N . -6.79 16.02 -3.57
PA TPP N . -6.86 16.74 -2.18
O1A TPP N . -6.20 15.85 -1.14
O2A TPP N . -8.32 16.92 -1.87
O3A TPP N . -6.04 18.08 -2.21
PB TPP N . -6.53 19.43 -2.95
O1B TPP N . -5.70 19.54 -4.18
O2B TPP N . -8.01 19.38 -3.23
O3B TPP N . -6.06 20.51 -2.01
O1 OXY O . -2.14 -11.48 15.30
O2 OXY O . -2.10 -12.36 14.41
O1 OXY P . 1.21 -13.04 9.79
O2 OXY P . 2.40 -13.32 9.46
O1 OXY Q . -4.95 -6.69 15.78
O2 OXY Q . -5.36 -7.89 15.72
O1 OXY R . -9.32 18.84 -5.77
O2 OXY R . -8.24 19.28 -6.18
O1 OXY S . -14.87 15.84 -5.11
O2 OXY S . -13.75 16.05 -5.59
O1 OXY T . -18.62 14.79 -1.43
O2 OXY T . -19.38 14.35 -0.57
P PO4 U . -17.56 13.25 -12.70
O1 PO4 U . -16.38 12.59 -13.35
O2 PO4 U . -17.46 14.72 -13.07
O3 PO4 U . -18.85 12.65 -13.19
O4 PO4 U . -17.50 13.03 -11.21
C ACT V . -1.37 -14.83 11.74
O ACT V . -0.90 -14.18 10.79
OXT ACT V . -2.02 -14.28 12.64
CH3 ACT V . -1.13 -16.27 11.83
C ACT W . 2.68 -17.18 9.75
O ACT W . 3.38 -17.25 8.72
OXT ACT W . 3.19 -17.46 10.87
CH3 ACT W . 1.26 -16.77 9.64
#